data_4JK4
#
_entry.id   4JK4
#
_cell.length_a   215.410
_cell.length_b   44.800
_cell.length_c   146.900
_cell.angle_alpha   90.00
_cell.angle_beta   115.77
_cell.angle_gamma   90.00
#
_symmetry.space_group_name_H-M   'C 1 2 1'
#
loop_
_entity.id
_entity.type
_entity.pdbx_description
1 polymer 'Serum albumin'
2 non-polymer '2-HYDROXY-3,5-DIIODO-BENZOIC ACID'
3 non-polymer DI(HYDROXYETHYL)ETHER
4 non-polymer 'PENTAETHYLENE GLYCOL'
5 non-polymer 'TRIETHYLENE GLYCOL'
6 non-polymer 'CALCIUM ION'
7 water water
#
_entity_poly.entity_id   1
_entity_poly.type   'polypeptide(L)'
_entity_poly.pdbx_seq_one_letter_code
;DTHKSEIAHRFKDLGEEHFKGLVLIAFSQYLQQCPFDEHVKLVNELTEFAKTCVADESHAGCEKSLHTLFGDELCKVASL
RETYGDMADCCEKQEPERNECFLSHKDDSPDLPKLKPDPNTLCDEFKADEKKFWGKYLYEIARRHPYFYAPELLYYANKY
NGVFQECCQAEDKGACLLPKIETMREKVLTSSARQRLRCASIQKFGERALKAWSVARLSQKFPKAEFVEVTKLVTDLTKV
HKECCHGDLLECADDRADLAKYICDNQDTISSKLKECCDKPLLEKSHCIAEVEKDAIPENLPPLTADFAEDKDVCKNYQE
AKDAFLGSFLYEYSRRHPEYAVSVLLRLAKEYEATLEECCAKDDPHACYSTVFDKLKHLVDEPQNLIKQNCDQFEKLGEY
GFQNALIVRYTRKVPQVSTPTLVEVSRSLGKVGTRCCTKPESERMPCTEDYLSLILNRLCVLHEKTPVSEKVTKCCTESL
VNRRPCFSALTPDETYVPKAFDEKLFTFHADICTLPDTEKQIKKQTALVELLKHKPKATEEQLKTVMENFVAFVDKCCAA
DDKEACFAVEGPKLVVSTQTALA
;
_entity_poly.pdbx_strand_id   A,B
#
loop_
_chem_comp.id
_chem_comp.type
_chem_comp.name
_chem_comp.formula
1PE non-polymer 'PENTAETHYLENE GLYCOL' 'C10 H22 O6'
CA non-polymer 'CALCIUM ION' 'Ca 2'
DIU non-polymer '2-HYDROXY-3,5-DIIODO-BENZOIC ACID' 'C7 H4 I2 O3'
PEG non-polymer DI(HYDROXYETHYL)ETHER 'C4 H10 O3'
PGE non-polymer 'TRIETHYLENE GLYCOL' 'C6 H14 O4'
#
# COMPACT_ATOMS: atom_id res chain seq x y z
N THR A 2 14.48 7.17 48.16
CA THR A 2 15.04 5.83 48.34
C THR A 2 15.37 5.14 46.99
N HIS A 3 16.53 5.44 46.38
CA HIS A 3 16.82 4.89 45.03
C HIS A 3 18.22 4.26 44.82
N LYS A 4 18.22 2.93 44.62
CA LYS A 4 19.42 2.11 44.39
C LYS A 4 19.24 1.22 43.15
N SER A 5 18.02 1.20 42.62
CA SER A 5 17.73 0.58 41.34
C SER A 5 17.31 1.64 40.32
N GLU A 6 18.11 1.86 39.28
CA GLU A 6 17.82 2.86 38.27
C GLU A 6 16.50 2.57 37.62
N ILE A 7 16.25 1.31 37.26
CA ILE A 7 14.98 1.02 36.61
C ILE A 7 13.76 1.22 37.61
N ALA A 8 13.92 0.87 38.89
CA ALA A 8 12.87 1.19 39.86
C ALA A 8 12.69 2.69 39.88
N HIS A 9 13.74 3.47 40.06
CA HIS A 9 13.65 4.92 40.03
C HIS A 9 12.97 5.53 38.73
N ARG A 10 13.38 5.10 37.54
CA ARG A 10 12.78 5.61 36.35
C ARG A 10 11.31 5.33 36.39
N PHE A 11 10.97 4.09 36.72
CA PHE A 11 9.57 3.69 36.68
C PHE A 11 8.74 4.43 37.73
N LYS A 12 9.31 4.71 38.90
CA LYS A 12 8.54 5.51 39.86
C LYS A 12 8.38 6.97 39.36
N ASP A 13 9.44 7.60 38.92
CA ASP A 13 9.37 8.99 38.50
C ASP A 13 8.48 9.22 37.25
N LEU A 14 8.44 8.27 36.32
CA LEU A 14 7.86 8.57 35.05
C LEU A 14 6.47 8.04 34.98
N GLY A 15 6.22 7.00 35.75
CA GLY A 15 4.95 6.34 35.62
C GLY A 15 4.85 5.40 34.45
N GLU A 16 4.13 4.31 34.68
CA GLU A 16 3.94 3.24 33.71
C GLU A 16 3.63 3.64 32.22
N GLU A 17 2.74 4.60 31.96
CA GLU A 17 2.31 4.84 30.59
C GLU A 17 3.47 5.37 29.76
N HIS A 18 4.08 6.42 30.29
CA HIS A 18 5.23 7.03 29.68
C HIS A 18 6.43 6.10 29.59
N PHE A 19 6.69 5.37 30.68
CA PHE A 19 7.74 4.38 30.72
C PHE A 19 7.54 3.45 29.55
N LYS A 20 6.33 2.89 29.42
CA LYS A 20 6.13 1.99 28.30
C LYS A 20 6.36 2.71 26.95
N GLY A 21 6.02 4.00 26.85
CA GLY A 21 6.11 4.68 25.59
C GLY A 21 7.56 4.89 25.23
N LEU A 22 8.32 5.39 26.19
CA LEU A 22 9.76 5.54 26.06
C LEU A 22 10.49 4.23 25.68
N VAL A 23 10.09 3.15 26.34
CA VAL A 23 10.71 1.88 26.03
C VAL A 23 10.37 1.43 24.62
N LEU A 24 9.13 1.63 24.23
CA LEU A 24 8.74 1.25 22.88
C LEU A 24 9.52 2.01 21.83
N ILE A 25 9.63 3.31 22.06
CA ILE A 25 10.45 4.17 21.22
C ILE A 25 11.89 3.66 21.14
N ALA A 26 12.50 3.39 22.32
CA ALA A 26 13.92 2.91 22.37
C ALA A 26 14.09 1.78 21.41
N PHE A 27 13.29 0.75 21.65
CA PHE A 27 13.36 -0.43 20.76
C PHE A 27 13.09 -0.11 19.28
N SER A 28 12.16 0.78 19.01
CA SER A 28 11.79 1.02 17.64
C SER A 28 12.89 1.75 16.90
N GLN A 29 13.74 2.46 17.65
CA GLN A 29 14.79 3.28 17.08
C GLN A 29 15.99 2.38 16.90
N TYR A 30 16.12 1.38 17.79
CA TYR A 30 17.32 0.53 17.74
C TYR A 30 17.11 -0.57 16.67
N LEU A 31 15.93 -1.20 16.65
CA LEU A 31 15.58 -2.29 15.71
C LEU A 31 14.50 -1.86 14.68
N GLN A 32 14.91 -1.11 13.67
CA GLN A 32 13.95 -0.36 12.88
C GLN A 32 13.17 -1.21 11.90
N GLN A 33 13.45 -2.49 11.90
CA GLN A 33 12.97 -3.40 10.90
C GLN A 33 12.05 -4.50 11.50
N CYS A 34 11.91 -4.48 12.82
CA CYS A 34 11.22 -5.58 13.48
C CYS A 34 9.71 -5.29 13.48
N PRO A 35 8.89 -6.33 13.56
CA PRO A 35 7.44 -6.09 13.60
C PRO A 35 7.01 -5.37 14.90
N PHE A 36 5.95 -4.55 14.85
CA PHE A 36 5.39 -3.85 16.02
C PHE A 36 5.07 -4.77 17.20
N ASP A 37 4.50 -5.93 16.88
CA ASP A 37 4.17 -6.94 17.90
C ASP A 37 5.30 -7.33 18.82
N GLU A 38 6.40 -7.69 18.17
CA GLU A 38 7.57 -8.19 18.85
C GLU A 38 8.06 -7.11 19.82
N HIS A 39 8.04 -5.85 19.35
CA HIS A 39 8.52 -4.73 20.15
C HIS A 39 7.61 -4.58 21.36
N VAL A 40 6.30 -4.74 21.13
CA VAL A 40 5.42 -4.66 22.29
C VAL A 40 5.77 -5.75 23.35
N LYS A 41 6.12 -6.94 22.86
CA LYS A 41 6.51 -8.00 23.81
C LYS A 41 7.78 -7.63 24.58
N LEU A 42 8.76 -7.02 23.90
CA LEU A 42 9.94 -6.56 24.62
C LEU A 42 9.58 -5.54 25.70
N VAL A 43 8.77 -4.55 25.32
CA VAL A 43 8.35 -3.56 26.26
C VAL A 43 7.63 -4.16 27.46
N ASN A 44 6.86 -5.23 27.23
CA ASN A 44 6.15 -5.82 28.37
C ASN A 44 7.03 -6.64 29.30
N GLU A 45 7.96 -7.40 28.74
CA GLU A 45 8.87 -8.11 29.64
C GLU A 45 9.68 -7.13 30.43
N LEU A 46 10.20 -6.11 29.75
CA LEU A 46 11.03 -5.13 30.44
C LEU A 46 10.24 -4.39 31.46
N THR A 47 8.97 -4.09 31.20
CA THR A 47 8.16 -3.41 32.21
C THR A 47 7.84 -4.30 33.43
N GLU A 48 7.52 -5.57 33.22
CA GLU A 48 7.41 -6.49 34.37
C GLU A 48 8.67 -6.58 35.19
N PHE A 49 9.82 -6.64 34.53
CA PHE A 49 11.11 -6.67 35.27
C PHE A 49 11.24 -5.33 36.06
N ALA A 50 10.85 -4.20 35.44
CA ALA A 50 10.80 -3.02 36.29
C ALA A 50 9.86 -3.18 37.53
N LYS A 51 8.73 -3.85 37.38
CA LYS A 51 7.80 -3.90 38.48
C LYS A 51 8.39 -4.67 39.66
N THR A 52 8.86 -5.88 39.34
CA THR A 52 9.66 -6.69 40.24
C THR A 52 10.70 -5.86 40.94
N CYS A 53 11.40 -5.00 40.21
CA CYS A 53 12.34 -4.08 40.88
C CYS A 53 11.72 -3.02 41.80
N VAL A 54 10.50 -2.50 41.46
CA VAL A 54 9.82 -1.47 42.30
C VAL A 54 9.58 -2.12 43.65
N ALA A 55 9.01 -3.33 43.55
CA ALA A 55 8.77 -4.20 44.69
C ALA A 55 10.00 -4.56 45.61
N ASP A 56 11.09 -5.03 45.03
CA ASP A 56 12.32 -5.23 45.82
C ASP A 56 13.49 -4.59 45.12
N GLU A 57 14.04 -3.48 45.59
CA GLU A 57 15.10 -2.88 44.77
C GLU A 57 16.41 -3.70 44.77
N SER A 58 16.43 -4.79 45.54
CA SER A 58 17.62 -5.62 45.64
C SER A 58 17.43 -6.93 44.91
N HIS A 59 16.25 -7.21 44.37
CA HIS A 59 16.16 -8.37 43.50
C HIS A 59 17.35 -8.39 42.44
N ALA A 60 17.85 -9.57 42.11
CA ALA A 60 18.96 -9.70 41.16
C ALA A 60 18.67 -9.02 39.78
N GLY A 61 19.56 -8.09 39.41
CA GLY A 61 19.50 -7.37 38.14
C GLY A 61 19.10 -5.91 38.29
N CYS A 62 18.40 -5.58 39.38
CA CYS A 62 17.85 -4.22 39.57
C CYS A 62 18.94 -3.10 39.78
N GLU A 63 20.18 -3.55 39.99
CA GLU A 63 21.30 -2.61 40.20
C GLU A 63 21.92 -2.27 38.82
N LYS A 64 21.46 -2.96 37.77
CA LYS A 64 22.04 -2.80 36.46
C LYS A 64 21.52 -1.56 35.71
N SER A 65 22.45 -0.84 35.09
CA SER A 65 22.10 0.37 34.33
C SER A 65 21.15 -0.04 33.27
N LEU A 66 20.48 0.95 32.70
CA LEU A 66 19.50 0.77 31.65
C LEU A 66 20.15 0.33 30.39
N HIS A 67 21.31 0.89 30.09
CA HIS A 67 22.00 0.40 28.94
C HIS A 67 22.32 -1.07 29.07
N THR A 68 22.69 -1.49 30.29
CA THR A 68 22.99 -2.87 30.46
C THR A 68 21.77 -3.69 30.20
N LEU A 69 20.64 -3.29 30.81
CA LEU A 69 19.43 -4.16 30.73
C LEU A 69 18.83 -4.20 29.31
N PHE A 70 18.70 -3.01 28.74
CA PHE A 70 18.24 -2.87 27.39
C PHE A 70 19.11 -3.60 26.38
N GLY A 71 20.42 -3.27 26.32
CA GLY A 71 21.37 -3.98 25.44
C GLY A 71 21.16 -5.49 25.62
N ASP A 72 21.06 -5.92 26.87
CA ASP A 72 20.77 -7.31 27.08
C ASP A 72 19.50 -7.78 26.36
N GLU A 73 18.42 -6.99 26.38
CA GLU A 73 17.22 -7.38 25.58
C GLU A 73 17.44 -7.43 24.09
N LEU A 74 18.17 -6.45 23.53
CA LEU A 74 18.55 -6.48 22.09
C LEU A 74 19.35 -7.76 21.77
N CYS A 75 20.30 -8.08 22.65
CA CYS A 75 21.13 -9.26 22.43
C CYS A 75 20.36 -10.58 22.49
N LYS A 76 19.07 -10.56 22.80
CA LYS A 76 18.31 -11.83 22.80
C LYS A 76 17.40 -12.03 21.62
N VAL A 77 17.34 -11.05 20.75
CA VAL A 77 16.47 -11.10 19.58
C VAL A 77 16.93 -12.18 18.67
N ALA A 78 16.11 -13.20 18.38
CA ALA A 78 16.64 -14.31 17.57
C ALA A 78 16.90 -13.87 16.15
N SER A 79 16.08 -12.97 15.60
CA SER A 79 16.28 -12.60 14.19
C SER A 79 17.42 -11.59 14.02
N LEU A 80 18.19 -11.37 15.09
CA LEU A 80 19.14 -10.24 15.16
C LEU A 80 20.22 -10.16 14.06
N ARG A 81 21.04 -11.21 13.91
CA ARG A 81 22.05 -11.25 12.85
C ARG A 81 21.41 -11.34 11.46
N GLU A 82 20.32 -12.08 11.38
N GLU A 82 20.32 -12.07 11.39
CA GLU A 82 19.64 -12.28 10.09
CA GLU A 82 19.69 -12.34 10.12
C GLU A 82 19.14 -10.95 9.54
C GLU A 82 19.03 -11.05 9.52
N THR A 83 18.41 -10.24 10.38
CA THR A 83 17.88 -8.96 9.98
C THR A 83 18.90 -7.79 9.97
N TYR A 84 19.92 -7.78 10.86
CA TYR A 84 20.81 -6.59 10.98
C TYR A 84 22.36 -6.81 10.88
N GLY A 85 22.78 -8.07 10.77
CA GLY A 85 24.18 -8.38 10.54
C GLY A 85 25.18 -7.98 11.61
N ASP A 86 26.17 -7.19 11.22
CA ASP A 86 27.23 -6.76 12.13
C ASP A 86 26.71 -6.04 13.36
N MET A 87 25.44 -5.69 13.33
CA MET A 87 24.89 -5.10 14.51
C MET A 87 25.01 -6.15 15.62
N ALA A 88 24.96 -7.43 15.26
CA ALA A 88 25.07 -8.49 16.27
C ALA A 88 26.51 -8.72 16.79
N ASP A 89 27.50 -8.17 16.10
CA ASP A 89 28.87 -8.20 16.58
C ASP A 89 28.94 -7.42 17.91
N CYS A 90 28.12 -6.39 18.02
CA CYS A 90 28.01 -5.52 19.22
C CYS A 90 27.82 -6.27 20.57
N CYS A 91 27.05 -7.35 20.49
CA CYS A 91 26.81 -8.20 21.61
C CYS A 91 28.06 -8.73 22.33
N GLU A 92 29.19 -8.82 21.58
CA GLU A 92 30.50 -9.26 22.11
C GLU A 92 31.23 -8.11 22.76
N LYS A 93 30.66 -6.93 22.73
CA LYS A 93 31.33 -5.87 23.47
C LYS A 93 30.73 -5.67 24.84
N GLN A 94 31.49 -4.91 25.63
CA GLN A 94 31.12 -4.49 26.95
C GLN A 94 30.53 -3.10 26.92
N GLU A 95 29.69 -2.77 27.92
CA GLU A 95 29.25 -1.41 28.02
C GLU A 95 30.41 -0.45 28.34
N PRO A 96 30.42 0.79 27.84
CA PRO A 96 29.58 1.58 26.90
C PRO A 96 29.78 1.23 25.40
N GLU A 97 30.82 0.48 25.08
CA GLU A 97 31.18 0.20 23.72
C GLU A 97 30.04 -0.51 23.05
N ARG A 98 29.34 -1.34 23.79
CA ARG A 98 28.33 -2.13 23.11
C ARG A 98 27.20 -1.14 22.69
N ASN A 99 26.91 -0.22 23.56
CA ASN A 99 25.92 0.75 23.19
C ASN A 99 26.37 1.73 22.11
N GLU A 100 27.64 2.18 22.14
CA GLU A 100 28.19 2.89 20.94
C GLU A 100 28.11 2.17 19.62
N CYS A 101 28.43 0.90 19.60
CA CYS A 101 28.35 0.16 18.33
C CYS A 101 26.89 -0.04 17.87
N PHE A 102 26.03 -0.46 18.79
CA PHE A 102 24.58 -0.45 18.47
C PHE A 102 24.08 0.94 17.89
N LEU A 103 24.49 2.02 18.58
CA LEU A 103 24.11 3.35 18.14
C LEU A 103 24.56 3.54 16.76
N SER A 104 25.74 3.05 16.49
CA SER A 104 26.31 3.29 15.19
C SER A 104 25.54 2.53 14.10
N HIS A 105 24.86 1.43 14.40
CA HIS A 105 24.01 0.87 13.31
C HIS A 105 22.63 1.58 13.01
N LYS A 106 22.30 2.65 13.71
CA LYS A 106 20.98 3.25 13.51
C LYS A 106 20.84 3.87 12.13
N ASP A 107 19.89 3.34 11.39
CA ASP A 107 19.77 3.66 9.99
C ASP A 107 19.10 4.99 9.72
N ASP A 108 19.80 5.99 9.14
CA ASP A 108 19.16 7.31 8.94
C ASP A 108 18.24 7.41 7.73
N SER A 109 18.37 6.50 6.79
CA SER A 109 17.49 6.53 5.60
C SER A 109 17.03 5.11 5.28
N PRO A 110 16.14 4.60 6.14
CA PRO A 110 15.62 3.24 6.14
C PRO A 110 14.60 2.97 5.03
N ASP A 111 14.71 1.81 4.38
CA ASP A 111 13.87 1.48 3.20
C ASP A 111 12.44 1.08 3.59
N LEU A 112 11.61 2.08 3.83
CA LEU A 112 10.35 1.82 4.43
C LEU A 112 9.25 2.45 3.64
N PRO A 113 8.12 1.73 3.51
CA PRO A 113 6.88 2.17 2.87
C PRO A 113 6.56 3.57 3.33
N LYS A 114 6.02 4.39 2.45
CA LYS A 114 5.64 5.76 2.81
C LYS A 114 4.29 5.82 3.56
N LEU A 115 4.22 6.69 4.57
CA LEU A 115 3.01 6.71 5.37
C LEU A 115 1.92 7.50 4.64
N LYS A 116 0.84 6.79 4.26
CA LYS A 116 -0.28 7.43 3.58
C LYS A 116 -1.61 7.05 4.25
N PRO A 117 -2.17 8.02 5.01
CA PRO A 117 -3.34 7.84 5.90
C PRO A 117 -4.67 7.63 5.19
N ASP A 118 -5.44 6.63 5.60
CA ASP A 118 -6.78 6.47 5.06
C ASP A 118 -7.71 6.57 6.26
N PRO A 119 -8.39 7.73 6.38
CA PRO A 119 -9.17 8.14 7.54
C PRO A 119 -10.09 7.04 8.02
N ASN A 120 -10.64 6.23 7.15
CA ASN A 120 -11.55 5.25 7.69
C ASN A 120 -10.82 4.18 8.49
N THR A 121 -9.80 3.56 7.91
CA THR A 121 -9.03 2.54 8.64
C THR A 121 -8.44 3.10 9.95
N LEU A 122 -7.99 4.34 9.89
CA LEU A 122 -7.37 4.96 11.03
C LEU A 122 -8.38 5.24 12.11
N CYS A 123 -9.53 5.78 11.72
CA CYS A 123 -10.56 6.16 12.66
C CYS A 123 -11.14 4.92 13.34
N ASP A 124 -11.23 3.86 12.56
CA ASP A 124 -11.66 2.59 13.06
C ASP A 124 -10.66 2.01 14.05
N GLU A 125 -9.37 1.91 13.67
CA GLU A 125 -8.31 1.42 14.60
C GLU A 125 -8.32 2.23 15.91
N PHE A 126 -8.48 3.54 15.80
CA PHE A 126 -8.46 4.40 16.98
C PHE A 126 -9.67 4.10 17.91
N LYS A 127 -10.85 3.90 17.33
CA LYS A 127 -12.02 3.60 18.16
C LYS A 127 -11.85 2.22 18.79
N ALA A 128 -11.30 1.28 18.04
CA ALA A 128 -11.10 -0.07 18.52
C ALA A 128 -10.18 -0.10 19.76
N ASP A 129 -9.03 0.57 19.68
CA ASP A 129 -8.05 0.59 20.75
C ASP A 129 -7.15 1.81 20.80
N GLU A 130 -7.51 2.81 21.62
CA GLU A 130 -6.74 4.05 21.62
C GLU A 130 -5.26 3.92 21.99
N LYS A 131 -4.96 3.17 23.07
CA LYS A 131 -3.58 2.95 23.48
C LYS A 131 -2.76 2.30 22.34
N LYS A 132 -3.31 1.27 21.72
CA LYS A 132 -2.54 0.54 20.72
C LYS A 132 -2.25 1.48 19.50
N PHE A 133 -3.16 2.45 19.30
CA PHE A 133 -3.11 3.39 18.21
C PHE A 133 -1.96 4.35 18.46
N TRP A 134 -1.98 4.88 19.68
CA TRP A 134 -0.92 5.73 20.19
C TRP A 134 0.42 5.05 19.94
N GLY A 135 0.45 3.76 20.30
CA GLY A 135 1.62 2.94 20.25
C GLY A 135 2.18 2.74 18.87
N LYS A 136 1.35 2.38 17.88
CA LYS A 136 1.86 2.27 16.53
C LYS A 136 2.35 3.67 16.05
N TYR A 137 1.75 4.74 16.56
CA TYR A 137 2.29 6.02 16.13
C TYR A 137 3.76 6.14 16.63
N LEU A 138 3.95 5.93 17.92
CA LEU A 138 5.27 5.91 18.54
C LEU A 138 6.24 5.09 17.68
N TYR A 139 5.76 3.93 17.30
CA TYR A 139 6.50 2.93 16.58
C TYR A 139 6.95 3.37 15.19
N GLU A 140 6.00 3.75 14.32
CA GLU A 140 6.31 4.12 12.95
C GLU A 140 7.13 5.40 12.86
N ILE A 141 6.77 6.37 13.70
CA ILE A 141 7.56 7.56 13.69
C ILE A 141 8.98 7.26 14.15
N ALA A 142 9.16 6.50 15.26
CA ALA A 142 10.49 6.19 15.78
C ALA A 142 11.34 5.38 14.79
N ARG A 143 10.69 4.39 14.18
CA ARG A 143 11.30 3.60 13.15
C ARG A 143 11.83 4.56 12.08
N ARG A 144 11.08 5.64 11.80
CA ARG A 144 11.60 6.48 10.73
C ARG A 144 12.60 7.55 11.21
N HIS A 145 12.62 7.80 12.50
CA HIS A 145 13.55 8.78 13.04
C HIS A 145 14.21 8.21 14.25
N PRO A 146 15.29 7.48 14.01
CA PRO A 146 15.86 6.78 15.15
C PRO A 146 16.59 7.74 16.11
N TYR A 147 16.62 9.06 15.82
CA TYR A 147 17.12 9.98 16.83
C TYR A 147 16.14 11.00 17.27
N PHE A 148 14.86 10.69 17.08
CA PHE A 148 13.84 11.59 17.49
C PHE A 148 13.94 11.83 18.98
N TYR A 149 13.87 13.11 19.34
CA TYR A 149 13.82 13.56 20.73
C TYR A 149 12.54 12.96 21.43
N ALA A 150 12.76 11.96 22.31
CA ALA A 150 11.74 11.03 22.74
C ALA A 150 10.56 11.61 23.53
N PRO A 151 10.85 12.47 24.51
CA PRO A 151 9.76 12.95 25.33
C PRO A 151 8.80 13.83 24.43
N GLU A 152 9.42 14.42 23.40
CA GLU A 152 8.73 15.26 22.44
C GLU A 152 7.94 14.38 21.50
N LEU A 153 8.44 13.18 21.23
CA LEU A 153 7.66 12.25 20.39
C LEU A 153 6.38 11.79 21.17
N LEU A 154 6.48 11.61 22.49
CA LEU A 154 5.29 11.31 23.26
C LEU A 154 4.27 12.49 23.17
N TYR A 155 4.76 13.72 23.37
CA TYR A 155 3.93 14.87 23.22
C TYR A 155 3.18 14.81 21.87
N TYR A 156 3.90 14.63 20.77
CA TYR A 156 3.22 14.52 19.49
C TYR A 156 2.24 13.33 19.51
N ALA A 157 2.52 12.23 20.22
CA ALA A 157 1.59 11.08 20.16
C ALA A 157 0.30 11.44 20.86
N ASN A 158 0.41 12.19 21.94
CA ASN A 158 -0.81 12.74 22.50
C ASN A 158 -1.55 13.62 21.50
N LYS A 159 -0.90 14.63 20.92
CA LYS A 159 -1.66 15.51 19.97
C LYS A 159 -2.30 14.74 18.85
N TYR A 160 -1.51 13.85 18.26
CA TYR A 160 -2.05 12.90 17.25
C TYR A 160 -3.39 12.27 17.72
N ASN A 161 -3.36 11.73 18.95
CA ASN A 161 -4.54 11.20 19.57
C ASN A 161 -5.69 12.24 19.71
N GLY A 162 -5.36 13.48 20.08
CA GLY A 162 -6.37 14.54 20.21
C GLY A 162 -7.07 14.90 18.90
N VAL A 163 -6.27 14.93 17.85
CA VAL A 163 -6.76 15.14 16.51
C VAL A 163 -7.68 13.98 16.15
N PHE A 164 -7.25 12.74 16.36
CA PHE A 164 -8.15 11.65 15.96
C PHE A 164 -9.43 11.51 16.77
N GLN A 165 -9.38 11.98 18.00
CA GLN A 165 -10.51 11.97 18.88
C GLN A 165 -11.55 13.03 18.44
N GLU A 166 -11.05 14.18 18.04
CA GLU A 166 -11.92 15.25 17.55
C GLU A 166 -12.53 14.93 16.18
N CYS A 167 -11.67 14.62 15.22
CA CYS A 167 -12.12 14.46 13.85
C CYS A 167 -12.98 13.27 13.51
N CYS A 168 -12.75 12.13 14.15
CA CYS A 168 -13.51 10.93 13.84
C CYS A 168 -14.97 11.03 14.12
N GLN A 169 -15.30 11.89 15.08
CA GLN A 169 -16.67 12.24 15.40
C GLN A 169 -17.37 12.89 14.25
N ALA A 170 -16.64 13.74 13.53
CA ALA A 170 -17.23 14.51 12.45
C ALA A 170 -17.69 13.65 11.29
N GLU A 171 -18.47 14.31 10.43
CA GLU A 171 -19.14 13.76 9.24
C GLU A 171 -18.18 13.55 8.05
N ASP A 172 -17.45 14.60 7.69
CA ASP A 172 -16.37 14.44 6.75
C ASP A 172 -15.04 14.23 7.52
N LYS A 173 -14.61 12.97 7.57
CA LYS A 173 -13.41 12.64 8.30
C LYS A 173 -12.23 13.21 7.57
N GLY A 174 -12.05 12.81 6.31
CA GLY A 174 -10.86 13.21 5.60
C GLY A 174 -10.65 14.71 5.64
N ALA A 175 -11.70 15.49 5.31
CA ALA A 175 -11.55 16.95 5.28
C ALA A 175 -11.15 17.50 6.66
N CYS A 176 -11.57 16.83 7.75
CA CYS A 176 -11.10 17.21 9.11
C CYS A 176 -9.64 16.71 9.39
N LEU A 177 -9.39 15.43 9.17
CA LEU A 177 -8.12 14.80 9.51
C LEU A 177 -6.98 15.37 8.67
N LEU A 178 -7.20 15.39 7.37
CA LEU A 178 -6.09 15.62 6.50
C LEU A 178 -5.33 16.94 6.70
N PRO A 179 -6.01 18.09 6.77
CA PRO A 179 -5.17 19.27 6.98
C PRO A 179 -4.34 19.16 8.25
N LYS A 180 -4.94 18.63 9.30
CA LYS A 180 -4.30 18.60 10.61
C LYS A 180 -3.10 17.67 10.64
N ILE A 181 -3.27 16.52 10.00
CA ILE A 181 -2.13 15.60 9.90
C ILE A 181 -1.01 16.22 9.04
N GLU A 182 -1.29 16.89 7.91
CA GLU A 182 -0.18 17.49 7.16
C GLU A 182 0.60 18.57 7.93
N THR A 183 -0.14 19.47 8.57
CA THR A 183 0.49 20.46 9.49
C THR A 183 1.42 19.80 10.58
N MET A 184 0.87 18.82 11.30
CA MET A 184 1.68 18.17 12.28
C MET A 184 2.92 17.45 11.62
N ARG A 185 2.72 16.80 10.47
CA ARG A 185 3.84 16.13 9.78
C ARG A 185 4.93 17.16 9.53
N GLU A 186 4.56 18.38 9.13
CA GLU A 186 5.66 19.38 9.01
C GLU A 186 6.37 19.50 10.37
N LYS A 187 5.59 19.67 11.46
CA LYS A 187 6.21 20.01 12.73
C LYS A 187 7.14 18.85 13.24
N VAL A 188 6.76 17.63 12.97
CA VAL A 188 7.49 16.48 13.37
C VAL A 188 8.77 16.45 12.57
N LEU A 189 8.68 16.58 11.23
CA LEU A 189 9.94 16.61 10.45
C LEU A 189 10.95 17.70 10.91
N THR A 190 10.47 18.92 11.15
CA THR A 190 11.36 19.91 11.77
C THR A 190 12.00 19.41 13.11
N SER A 191 11.16 18.83 13.96
CA SER A 191 11.60 18.47 15.30
C SER A 191 12.77 17.49 15.17
N SER A 192 12.53 16.51 14.30
CA SER A 192 13.39 15.41 14.00
C SER A 192 14.72 15.96 13.60
N ALA A 193 14.67 16.86 12.66
CA ALA A 193 15.89 17.47 12.08
C ALA A 193 16.72 18.04 13.17
N ARG A 194 16.07 18.86 13.98
CA ARG A 194 16.73 19.56 15.07
C ARG A 194 17.42 18.63 16.06
N GLN A 195 16.77 17.52 16.41
CA GLN A 195 17.42 16.70 17.38
C GLN A 195 18.60 15.99 16.71
N ARG A 196 18.45 15.66 15.45
CA ARG A 196 19.56 15.04 14.72
C ARG A 196 20.77 15.94 14.67
N LEU A 197 20.54 17.23 14.49
CA LEU A 197 21.63 18.16 14.57
C LEU A 197 22.22 18.17 15.94
N ARG A 198 21.42 18.25 17.00
CA ARG A 198 21.95 18.18 18.38
C ARG A 198 22.86 16.94 18.64
N CYS A 199 22.40 15.77 18.25
CA CYS A 199 23.16 14.56 18.48
C CYS A 199 24.39 14.60 17.65
N ALA A 200 24.27 14.89 16.37
CA ALA A 200 25.43 14.88 15.52
C ALA A 200 26.44 15.94 15.98
N SER A 201 25.95 17.04 16.49
CA SER A 201 26.91 18.03 16.97
C SER A 201 27.61 17.42 18.18
N ILE A 202 26.88 16.80 19.09
CA ILE A 202 27.53 16.18 20.23
C ILE A 202 28.54 15.17 19.74
N GLN A 203 28.11 14.27 18.88
CA GLN A 203 28.96 13.18 18.43
C GLN A 203 30.20 13.65 17.64
N LYS A 204 30.18 14.83 17.04
CA LYS A 204 31.35 15.27 16.23
C LYS A 204 32.14 16.51 16.74
N PHE A 205 31.64 17.25 17.72
CA PHE A 205 32.29 18.53 18.02
C PHE A 205 32.39 18.81 19.45
N GLY A 206 31.91 17.83 20.21
CA GLY A 206 31.84 17.93 21.62
C GLY A 206 30.57 18.59 22.06
N GLU A 207 30.25 18.20 23.28
CA GLU A 207 29.30 18.81 24.17
C GLU A 207 29.44 20.33 24.23
N ARG A 208 30.67 20.80 24.13
CA ARG A 208 30.94 22.22 24.18
C ARG A 208 30.13 22.98 23.08
N ALA A 209 29.91 22.37 21.92
CA ALA A 209 29.19 23.05 20.86
C ALA A 209 27.67 23.20 21.17
N LEU A 210 27.07 22.08 21.58
CA LEU A 210 25.70 22.11 22.00
C LEU A 210 25.54 23.12 23.15
N LYS A 211 26.48 23.12 24.09
CA LYS A 211 26.49 24.12 25.15
C LYS A 211 26.49 25.58 24.64
N ALA A 212 27.43 25.88 23.74
CA ALA A 212 27.49 27.21 23.17
C ALA A 212 26.13 27.61 22.51
N TRP A 213 25.59 26.68 21.72
CA TRP A 213 24.36 26.94 21.07
C TRP A 213 23.32 27.27 22.16
N SER A 214 23.30 26.48 23.23
CA SER A 214 22.29 26.66 24.23
C SER A 214 22.38 27.99 24.97
N VAL A 215 23.59 28.41 25.29
CA VAL A 215 23.82 29.72 25.89
C VAL A 215 23.21 30.76 24.94
N ALA A 216 23.46 30.62 23.63
CA ALA A 216 22.95 31.60 22.68
C ALA A 216 21.43 31.62 22.67
N ARG A 217 20.82 30.46 22.49
CA ARG A 217 19.36 30.34 22.50
C ARG A 217 18.67 30.95 23.80
N LEU A 218 19.16 30.58 24.96
CA LEU A 218 18.49 30.92 26.22
C LEU A 218 18.79 32.36 26.54
N SER A 219 19.94 32.82 26.08
CA SER A 219 20.27 34.15 26.42
C SER A 219 19.36 35.00 25.54
N GLN A 220 18.95 34.44 24.40
CA GLN A 220 17.95 35.16 23.64
C GLN A 220 16.55 35.16 24.30
N LYS A 221 16.07 33.99 24.74
CA LYS A 221 14.73 33.95 25.34
C LYS A 221 14.65 34.61 26.74
N PHE A 222 15.76 34.57 27.48
CA PHE A 222 15.71 34.97 28.87
C PHE A 222 16.66 36.13 29.15
N PRO A 223 16.47 37.22 28.42
CA PRO A 223 17.49 38.27 28.34
C PRO A 223 17.78 38.89 29.71
N LYS A 224 16.81 38.80 30.60
CA LYS A 224 17.01 39.32 31.96
C LYS A 224 17.80 38.35 32.85
N ALA A 225 17.74 37.03 32.61
CA ALA A 225 18.42 36.07 33.51
C ALA A 225 19.93 36.25 33.64
N GLU A 226 20.43 36.14 34.85
CA GLU A 226 21.85 36.31 35.09
C GLU A 226 22.67 35.27 34.35
N PHE A 227 23.89 35.61 33.96
CA PHE A 227 24.73 34.60 33.31
C PHE A 227 24.81 33.27 34.18
N VAL A 228 24.80 33.38 35.51
CA VAL A 228 24.84 32.16 36.36
C VAL A 228 23.60 31.25 36.12
N GLU A 229 22.41 31.85 36.16
CA GLU A 229 21.17 31.12 35.86
C GLU A 229 21.19 30.48 34.44
N VAL A 230 21.55 31.27 33.43
CA VAL A 230 21.56 30.76 32.08
C VAL A 230 22.52 29.58 32.02
N THR A 231 23.71 29.75 32.60
CA THR A 231 24.68 28.66 32.79
C THR A 231 24.07 27.40 33.42
N LYS A 232 23.30 27.53 34.52
CA LYS A 232 22.79 26.33 35.17
C LYS A 232 21.81 25.61 34.26
N LEU A 233 20.93 26.43 33.66
CA LEU A 233 19.92 25.93 32.69
C LEU A 233 20.59 25.15 31.62
N VAL A 234 21.63 25.73 31.04
CA VAL A 234 22.37 25.13 29.96
C VAL A 234 23.01 23.84 30.37
N THR A 235 23.54 23.79 31.59
CA THR A 235 24.11 22.51 32.00
C THR A 235 23.02 21.41 32.05
N ASP A 236 21.87 21.72 32.63
CA ASP A 236 20.91 20.62 32.82
C ASP A 236 20.39 20.19 31.47
N LEU A 237 19.99 21.20 30.70
CA LEU A 237 19.39 20.98 29.38
C LEU A 237 20.35 20.24 28.44
N THR A 238 21.62 20.63 28.57
CA THR A 238 22.62 19.88 27.80
C THR A 238 22.72 18.42 28.19
N LYS A 239 22.80 18.12 29.49
CA LYS A 239 22.74 16.73 29.94
C LYS A 239 21.53 15.97 29.40
N VAL A 240 20.36 16.62 29.41
CA VAL A 240 19.14 16.03 28.81
C VAL A 240 19.43 15.57 27.38
N HIS A 241 19.97 16.50 26.58
CA HIS A 241 20.26 16.10 25.19
C HIS A 241 21.24 14.98 25.08
N LYS A 242 22.32 15.05 25.84
CA LYS A 242 23.20 13.92 25.90
C LYS A 242 22.50 12.54 26.22
N GLU A 243 21.69 12.46 27.29
CA GLU A 243 21.05 11.16 27.56
C GLU A 243 20.21 10.65 26.42
N CYS A 244 19.30 11.50 25.91
CA CYS A 244 18.56 11.18 24.65
C CYS A 244 19.46 10.81 23.44
N CYS A 245 20.55 11.53 23.20
CA CYS A 245 21.44 11.11 22.09
C CYS A 245 22.21 9.79 22.29
N HIS A 246 22.37 9.34 23.53
CA HIS A 246 23.02 8.03 23.72
C HIS A 246 21.97 6.94 23.94
N GLY A 247 20.71 7.29 23.67
CA GLY A 247 19.67 6.27 23.78
C GLY A 247 19.12 5.91 25.15
N ASP A 248 19.59 6.58 26.21
CA ASP A 248 18.98 6.41 27.52
C ASP A 248 17.76 7.37 27.70
N LEU A 249 16.62 6.92 27.14
CA LEU A 249 15.40 7.72 27.06
C LEU A 249 14.73 7.94 28.42
N LEU A 250 14.82 6.92 29.34
CA LEU A 250 14.11 7.00 30.62
C LEU A 250 14.76 8.12 31.39
N GLU A 251 16.04 8.23 31.19
CA GLU A 251 16.76 9.24 31.93
C GLU A 251 16.63 10.63 31.32
N CYS A 252 16.51 10.68 30.02
CA CYS A 252 16.43 11.94 29.34
C CYS A 252 15.07 12.56 29.73
N ALA A 253 14.01 11.75 29.58
CA ALA A 253 12.68 12.16 29.98
C ALA A 253 12.62 12.55 31.48
N ASP A 254 13.23 11.77 32.35
CA ASP A 254 13.29 12.18 33.73
C ASP A 254 13.99 13.54 33.95
N ASP A 255 15.16 13.73 33.33
CA ASP A 255 15.93 14.93 33.67
C ASP A 255 15.21 16.10 33.09
N ARG A 256 14.45 15.82 32.05
CA ARG A 256 13.72 16.88 31.42
C ARG A 256 12.56 17.35 32.26
N ALA A 257 11.86 16.37 32.83
CA ALA A 257 10.78 16.67 33.76
C ALA A 257 11.32 17.46 34.92
N ASP A 258 12.51 17.15 35.39
CA ASP A 258 13.09 17.94 36.49
C ASP A 258 13.46 19.34 36.05
N LEU A 259 13.90 19.49 34.83
CA LEU A 259 14.23 20.83 34.37
C LEU A 259 12.97 21.69 34.32
N ALA A 260 11.87 21.10 33.89
CA ALA A 260 10.73 21.93 33.66
C ALA A 260 10.27 22.29 35.10
N LYS A 261 10.36 21.33 36.03
CA LYS A 261 10.04 21.70 37.40
C LYS A 261 10.95 22.82 37.89
N TYR A 262 12.25 22.73 37.64
CA TYR A 262 13.17 23.79 38.08
C TYR A 262 12.76 25.18 37.54
N ILE A 263 12.39 25.19 36.25
CA ILE A 263 12.04 26.42 35.59
C ILE A 263 10.68 26.99 36.10
N CYS A 264 9.65 26.19 36.03
CA CYS A 264 8.39 26.69 36.54
C CYS A 264 8.46 27.15 37.98
N ASP A 265 9.43 26.62 38.78
CA ASP A 265 9.70 27.06 40.19
C ASP A 265 10.61 28.32 40.38
N ASN A 266 11.14 28.88 39.29
CA ASN A 266 12.08 30.03 39.34
C ASN A 266 11.80 31.17 38.35
N GLN A 267 10.57 31.23 37.85
CA GLN A 267 10.18 32.21 36.83
C GLN A 267 10.74 33.59 37.13
N ASP A 268 10.78 33.88 38.44
CA ASP A 268 11.12 35.21 38.88
C ASP A 268 12.54 35.60 38.43
N THR A 269 13.45 34.63 38.35
CA THR A 269 14.79 34.95 37.89
C THR A 269 15.15 34.46 36.48
N ILE A 270 14.17 33.92 35.78
CA ILE A 270 14.36 33.42 34.43
C ILE A 270 13.55 34.31 33.47
N SER A 271 12.22 34.29 33.58
CA SER A 271 11.37 35.06 32.66
C SER A 271 9.90 35.30 33.07
N SER A 272 9.35 36.45 32.71
CA SER A 272 7.91 36.71 32.99
C SER A 272 7.02 36.02 31.91
N LYS A 273 7.62 35.57 30.82
CA LYS A 273 6.79 34.89 29.86
C LYS A 273 6.40 33.41 30.20
N LEU A 274 6.72 32.93 31.41
CA LEU A 274 6.50 31.52 31.79
C LEU A 274 5.23 31.17 32.60
N LYS A 275 4.47 32.19 33.02
CA LYS A 275 3.21 31.98 33.73
C LYS A 275 2.27 30.98 33.01
N GLU A 276 2.09 31.14 31.70
CA GLU A 276 1.20 30.26 30.93
C GLU A 276 1.61 28.81 30.88
N CYS A 277 2.87 28.61 30.52
CA CYS A 277 3.48 27.30 30.34
C CYS A 277 3.53 26.52 31.59
N CYS A 278 3.98 27.16 32.65
CA CYS A 278 4.09 26.49 33.94
C CYS A 278 2.76 26.04 34.61
N ASP A 279 1.58 26.27 34.00
CA ASP A 279 0.31 25.69 34.49
C ASP A 279 -0.21 24.52 33.66
N LYS A 280 0.54 24.06 32.65
CA LYS A 280 0.15 22.84 31.95
C LYS A 280 0.75 21.56 32.55
N PRO A 281 0.07 20.42 32.24
CA PRO A 281 0.59 19.06 32.52
C PRO A 281 1.87 18.80 31.74
N LEU A 282 2.67 17.89 32.30
CA LEU A 282 4.11 17.77 32.08
C LEU A 282 4.66 17.86 30.65
N LEU A 283 4.16 16.99 29.76
CA LEU A 283 4.67 17.05 28.39
C LEU A 283 4.34 18.44 27.77
N GLU A 284 3.08 18.86 27.91
CA GLU A 284 2.64 20.08 27.26
C GLU A 284 3.50 21.19 27.82
N LYS A 285 3.85 21.03 29.09
CA LYS A 285 4.53 22.09 29.82
C LYS A 285 5.94 22.28 29.29
N SER A 286 6.60 21.14 29.07
CA SER A 286 8.00 21.16 28.62
C SER A 286 8.07 21.71 27.19
N HIS A 287 7.16 21.23 26.36
CA HIS A 287 6.99 21.73 25.02
C HIS A 287 6.72 23.24 24.92
N CYS A 288 5.99 23.73 25.92
CA CYS A 288 5.57 25.12 25.82
C CYS A 288 6.78 25.96 26.27
N ILE A 289 7.46 25.44 27.29
CA ILE A 289 8.71 26.02 27.74
C ILE A 289 9.76 26.11 26.60
N ALA A 290 9.84 25.08 25.76
CA ALA A 290 10.76 25.09 24.61
C ALA A 290 10.47 26.26 23.69
N GLU A 291 9.20 26.48 23.33
CA GLU A 291 8.79 27.43 22.27
C GLU A 291 8.34 28.78 22.78
N VAL A 292 8.70 29.06 24.03
CA VAL A 292 8.20 30.25 24.68
C VAL A 292 8.65 31.60 24.03
N GLU A 293 7.74 32.56 23.93
CA GLU A 293 8.04 33.93 23.53
C GLU A 293 9.08 34.56 24.45
N LYS A 294 10.03 35.28 23.86
CA LYS A 294 11.11 35.92 24.57
C LYS A 294 10.62 37.11 25.42
N ASP A 295 11.29 37.32 26.54
CA ASP A 295 10.96 38.35 27.47
C ASP A 295 11.63 39.61 26.97
N ALA A 296 11.33 40.72 27.63
CA ALA A 296 11.86 42.03 27.22
C ALA A 296 13.33 42.12 27.56
N ILE A 297 14.09 42.82 26.73
CA ILE A 297 15.48 43.03 27.05
C ILE A 297 15.62 44.11 28.12
N PRO A 298 16.41 43.84 29.17
CA PRO A 298 16.66 44.75 30.30
C PRO A 298 16.94 46.20 29.82
N GLU A 299 16.16 47.16 30.34
CA GLU A 299 15.93 48.45 29.70
CA GLU A 299 15.92 48.45 29.69
C GLU A 299 17.12 49.37 29.41
N ASN A 300 18.11 49.42 30.29
CA ASN A 300 19.29 50.22 29.94
C ASN A 300 20.57 49.42 30.14
N LEU A 301 21.15 48.98 29.04
CA LEU A 301 22.23 48.03 29.11
C LEU A 301 23.44 48.70 28.50
N PRO A 302 24.60 48.49 29.13
CA PRO A 302 25.91 48.96 28.71
C PRO A 302 26.21 48.46 27.32
N PRO A 303 27.04 49.22 26.58
CA PRO A 303 27.40 48.66 25.26
C PRO A 303 28.41 47.57 25.47
N LEU A 304 28.44 46.66 24.50
CA LEU A 304 29.33 45.49 24.52
C LEU A 304 30.80 45.89 24.43
N THR A 305 30.97 47.07 23.81
CA THR A 305 32.26 47.58 23.38
C THR A 305 33.09 47.77 24.62
N ALA A 306 32.41 48.21 25.68
CA ALA A 306 33.04 48.55 26.95
C ALA A 306 33.86 47.38 27.53
N ASP A 307 33.21 46.25 27.79
CA ASP A 307 33.91 45.19 28.44
C ASP A 307 34.61 44.25 27.46
N PHE A 308 34.33 44.33 26.16
CA PHE A 308 35.08 43.38 25.31
C PHE A 308 36.12 44.02 24.32
N ALA A 309 36.02 45.29 23.98
CA ALA A 309 37.03 45.89 23.09
C ALA A 309 37.85 46.98 23.80
N GLU A 310 37.19 47.77 24.66
CA GLU A 310 37.82 48.94 25.26
C GLU A 310 38.57 48.67 26.57
N ASP A 311 38.11 47.70 27.35
CA ASP A 311 38.74 47.42 28.66
C ASP A 311 40.24 47.01 28.52
N LYS A 312 41.07 47.33 29.51
CA LYS A 312 42.52 47.05 29.41
C LYS A 312 42.92 45.64 29.83
N ASP A 313 42.02 44.98 30.52
CA ASP A 313 42.35 43.69 31.09
C ASP A 313 41.73 42.61 30.26
N VAL A 314 41.09 42.99 29.15
CA VAL A 314 40.33 42.02 28.35
C VAL A 314 41.12 40.72 28.28
N CYS A 315 42.39 40.84 27.88
CA CYS A 315 43.34 39.76 27.69
C CYS A 315 43.64 39.04 28.95
N LYS A 316 43.69 39.80 30.04
CA LYS A 316 43.95 39.18 31.33
C LYS A 316 42.73 38.38 31.77
N ASN A 317 41.54 38.98 31.67
CA ASN A 317 40.31 38.29 32.08
C ASN A 317 40.15 37.01 31.25
N TYR A 318 40.33 37.14 29.94
CA TYR A 318 40.25 36.01 29.02
C TYR A 318 41.22 34.96 29.50
N GLN A 319 42.46 35.36 29.72
CA GLN A 319 43.48 34.41 30.16
C GLN A 319 43.17 33.71 31.53
N GLU A 320 42.44 34.34 32.46
CA GLU A 320 42.15 33.62 33.72
C GLU A 320 41.08 32.54 33.54
N ALA A 321 40.08 32.80 32.72
CA ALA A 321 39.04 31.82 32.53
C ALA A 321 38.50 31.95 31.12
N LYS A 322 39.21 31.36 30.15
CA LYS A 322 38.89 31.62 28.75
C LYS A 322 37.42 31.28 28.51
N ASP A 323 36.98 30.27 29.19
CA ASP A 323 35.69 29.73 28.92
C ASP A 323 34.62 30.62 29.53
N ALA A 324 34.83 31.12 30.72
CA ALA A 324 33.77 31.87 31.33
C ALA A 324 33.69 33.23 30.68
N PHE A 325 34.85 33.66 30.19
CA PHE A 325 34.95 34.99 29.64
C PHE A 325 34.24 34.99 28.31
N LEU A 326 34.50 33.93 27.55
CA LEU A 326 33.96 33.78 26.24
C LEU A 326 32.48 33.45 26.33
N GLY A 327 32.10 32.73 27.40
CA GLY A 327 30.71 32.32 27.65
C GLY A 327 29.94 33.60 27.88
N SER A 328 30.53 34.46 28.70
CA SER A 328 29.99 35.75 29.03
C SER A 328 29.88 36.60 27.78
N PHE A 329 30.86 36.52 26.90
CA PHE A 329 30.74 37.29 25.65
C PHE A 329 29.49 36.82 24.94
N LEU A 330 29.41 35.53 24.63
CA LEU A 330 28.26 34.99 23.89
C LEU A 330 26.87 35.30 24.56
N TYR A 331 26.83 35.17 25.88
CA TYR A 331 25.62 35.51 26.65
C TYR A 331 25.25 37.00 26.48
N GLU A 332 26.25 37.88 26.63
CA GLU A 332 26.03 39.31 26.60
C GLU A 332 25.64 39.77 25.20
N TYR A 333 26.27 39.18 24.17
CA TYR A 333 25.84 39.52 22.82
C TYR A 333 24.39 39.05 22.54
N SER A 334 24.07 37.82 22.92
CA SER A 334 22.78 37.28 22.57
C SER A 334 21.58 37.88 23.37
N ARG A 335 21.79 38.27 24.62
CA ARG A 335 20.59 38.82 25.24
C ARG A 335 20.12 40.11 24.55
N ARG A 336 21.02 40.77 23.82
CA ARG A 336 20.72 42.04 23.16
C ARG A 336 20.21 41.87 21.73
N HIS A 337 20.32 40.67 21.18
CA HIS A 337 19.97 40.53 19.78
C HIS A 337 19.09 39.32 19.62
N PRO A 338 17.86 39.48 20.02
CA PRO A 338 17.03 38.32 19.64
C PRO A 338 16.80 38.28 18.10
N GLU A 339 17.28 39.26 17.36
CA GLU A 339 17.05 39.24 15.90
C GLU A 339 18.20 38.58 15.05
N TYR A 340 19.33 38.25 15.68
CA TYR A 340 20.36 37.50 14.96
C TYR A 340 20.03 36.02 15.08
N ALA A 341 20.37 35.26 14.04
CA ALA A 341 20.33 33.81 14.12
C ALA A 341 21.47 33.25 15.04
N VAL A 342 21.10 32.25 15.82
CA VAL A 342 22.05 31.67 16.72
C VAL A 342 23.33 31.29 15.97
N SER A 343 23.17 30.75 14.76
CA SER A 343 24.32 30.47 13.88
C SER A 343 25.21 31.70 13.72
N VAL A 344 24.59 32.85 13.49
CA VAL A 344 25.39 34.04 13.36
C VAL A 344 26.03 34.34 14.68
N LEU A 345 25.29 34.18 15.76
CA LEU A 345 25.81 34.57 17.09
C LEU A 345 27.07 33.77 17.46
N LEU A 346 27.01 32.47 17.32
CA LEU A 346 28.19 31.65 17.49
C LEU A 346 29.29 32.09 16.50
N ARG A 347 28.97 32.45 15.24
CA ARG A 347 30.08 32.92 14.38
C ARG A 347 30.72 34.17 14.98
N LEU A 348 29.92 35.14 15.40
CA LEU A 348 30.52 36.32 15.98
C LEU A 348 31.45 35.91 17.14
N ALA A 349 30.94 35.05 18.04
CA ALA A 349 31.73 34.61 19.19
C ALA A 349 33.06 33.91 18.80
N LYS A 350 33.03 33.07 17.79
CA LYS A 350 34.24 32.35 17.35
C LYS A 350 35.23 33.35 16.75
N GLU A 351 34.70 34.34 16.02
CA GLU A 351 35.58 35.38 15.50
C GLU A 351 36.27 36.07 16.66
N TYR A 352 35.47 36.47 17.63
CA TYR A 352 36.00 37.09 18.83
C TYR A 352 37.13 36.25 19.48
N GLU A 353 36.93 34.94 19.61
CA GLU A 353 37.97 34.10 20.19
C GLU A 353 39.23 34.17 19.36
N ALA A 354 39.13 34.04 18.03
CA ALA A 354 40.33 34.12 17.15
C ALA A 354 41.09 35.45 17.27
N THR A 355 40.33 36.52 17.18
CA THR A 355 40.86 37.86 17.33
C THR A 355 41.73 37.86 18.57
N LEU A 356 41.16 37.43 19.72
CA LEU A 356 41.83 37.40 21.04
C LEU A 356 43.05 36.49 21.13
N GLU A 357 42.92 35.30 20.57
CA GLU A 357 44.01 34.33 20.51
C GLU A 357 45.23 34.93 19.75
N GLU A 358 44.96 35.72 18.72
CA GLU A 358 46.03 36.44 18.04
C GLU A 358 46.54 37.69 18.81
N CYS A 359 45.66 38.60 19.14
CA CYS A 359 46.06 39.90 19.70
C CYS A 359 46.74 39.81 21.08
N CYS A 360 46.27 38.88 21.92
CA CYS A 360 46.76 38.74 23.29
C CYS A 360 48.20 38.26 23.36
N ALA A 361 48.68 37.71 22.23
CA ALA A 361 50.07 37.28 21.99
C ALA A 361 51.02 38.40 21.52
N LYS A 362 50.47 39.38 20.82
CA LYS A 362 51.20 40.53 20.27
C LYS A 362 51.73 41.51 21.33
N ASP A 363 52.73 42.32 20.97
CA ASP A 363 53.39 43.30 21.85
C ASP A 363 52.47 44.38 22.52
N ASP A 364 51.51 44.92 21.77
CA ASP A 364 50.46 45.80 22.31
C ASP A 364 49.09 45.23 21.95
N PRO A 365 48.55 44.37 22.80
CA PRO A 365 47.28 43.74 22.42
C PRO A 365 46.10 44.73 22.27
N HIS A 366 45.97 45.70 23.17
CA HIS A 366 44.73 46.46 23.20
C HIS A 366 44.42 47.14 21.88
N ALA A 367 45.41 47.69 21.21
CA ALA A 367 45.16 48.29 19.88
C ALA A 367 44.64 47.26 18.86
N CYS A 368 45.12 46.01 18.98
CA CYS A 368 44.68 44.91 18.14
C CYS A 368 43.21 44.54 18.48
N TYR A 369 42.89 44.40 19.77
CA TYR A 369 41.52 44.05 20.07
C TYR A 369 40.53 45.23 20.17
N SER A 370 41.02 46.47 20.18
CA SER A 370 40.18 47.67 20.38
C SER A 370 39.09 47.82 19.34
N THR A 371 39.43 47.40 18.12
CA THR A 371 38.60 47.57 16.94
C THR A 371 37.95 46.28 16.43
N VAL A 372 37.80 45.28 17.33
CA VAL A 372 37.27 43.96 16.94
C VAL A 372 35.80 44.00 16.44
N PHE A 373 34.95 44.84 17.04
CA PHE A 373 33.55 44.80 16.70
C PHE A 373 33.26 45.12 15.27
N ASP A 374 34.02 46.04 14.70
CA ASP A 374 33.90 46.40 13.28
C ASP A 374 34.38 45.24 12.43
N LYS A 375 35.42 44.56 12.87
CA LYS A 375 35.88 43.34 12.20
C LYS A 375 34.79 42.27 12.28
N LEU A 376 33.93 42.40 13.29
CA LEU A 376 32.82 41.46 13.47
C LEU A 376 31.70 41.77 12.49
N LYS A 377 31.69 42.97 11.91
CA LYS A 377 30.54 43.41 11.09
C LYS A 377 30.17 42.53 9.88
N HIS A 378 31.19 41.99 9.18
CA HIS A 378 30.98 41.16 7.97
C HIS A 378 30.14 39.89 8.21
N LEU A 379 30.24 39.37 9.46
CA LEU A 379 29.51 38.19 9.90
C LEU A 379 27.99 38.44 10.03
N VAL A 380 27.61 39.70 10.20
CA VAL A 380 26.19 40.08 10.12
C VAL A 380 25.75 40.55 8.74
N ASP A 381 26.68 41.20 8.03
CA ASP A 381 26.33 41.70 6.72
C ASP A 381 26.14 40.56 5.71
N GLU A 382 27.04 39.58 5.72
CA GLU A 382 26.98 38.50 4.73
C GLU A 382 25.57 37.93 4.63
N PRO A 383 25.08 37.35 5.73
CA PRO A 383 23.84 36.60 5.55
C PRO A 383 22.63 37.55 5.48
N GLN A 384 22.70 38.80 5.94
CA GLN A 384 21.59 39.68 5.58
C GLN A 384 21.48 39.75 4.06
N ASN A 385 22.61 39.90 3.38
CA ASN A 385 22.53 40.02 1.94
C ASN A 385 22.06 38.75 1.27
N LEU A 386 22.65 37.63 1.65
CA LEU A 386 22.28 36.37 1.04
C LEU A 386 20.75 36.13 1.13
N ILE A 387 20.14 36.56 2.23
CA ILE A 387 18.71 36.30 2.41
C ILE A 387 17.87 37.08 1.43
N LYS A 388 18.19 38.37 1.31
CA LYS A 388 17.45 39.27 0.45
C LYS A 388 17.48 38.72 -1.00
N GLN A 389 18.69 38.40 -1.43
CA GLN A 389 18.95 37.94 -2.74
C GLN A 389 18.10 36.69 -3.04
N ASN A 390 18.16 35.68 -2.17
CA ASN A 390 17.44 34.41 -2.43
C ASN A 390 15.91 34.49 -2.34
N CYS A 391 15.41 35.32 -1.45
CA CYS A 391 13.99 35.44 -1.40
C CYS A 391 13.41 36.02 -2.71
N ASP A 392 14.16 36.90 -3.37
CA ASP A 392 13.73 37.43 -4.65
C ASP A 392 13.51 36.30 -5.59
N GLN A 393 14.53 35.44 -5.66
CA GLN A 393 14.43 34.37 -6.60
C GLN A 393 13.18 33.54 -6.26
N PHE A 394 12.86 33.46 -4.97
CA PHE A 394 11.68 32.72 -4.48
C PHE A 394 10.36 33.37 -4.91
N GLU A 395 10.36 34.70 -4.93
CA GLU A 395 9.18 35.49 -5.30
C GLU A 395 8.59 35.21 -6.70
N LYS A 396 9.46 35.33 -7.71
CA LYS A 396 9.09 35.00 -9.08
C LYS A 396 8.79 33.52 -9.26
N LEU A 397 9.76 32.67 -8.89
CA LEU A 397 9.73 31.25 -9.23
C LEU A 397 8.72 30.40 -8.41
N GLY A 398 8.42 30.80 -7.17
CA GLY A 398 7.62 29.90 -6.36
C GLY A 398 8.43 28.68 -5.90
N GLU A 399 7.80 27.88 -5.03
CA GLU A 399 8.54 26.78 -4.39
C GLU A 399 9.33 25.92 -5.38
N TYR A 400 8.61 25.22 -6.26
CA TYR A 400 9.21 24.23 -7.16
C TYR A 400 10.18 24.88 -8.21
N GLY A 401 9.92 26.11 -8.62
CA GLY A 401 10.91 26.77 -9.45
C GLY A 401 12.21 26.95 -8.66
N PHE A 402 12.08 27.43 -7.43
CA PHE A 402 13.26 27.71 -6.58
C PHE A 402 14.06 26.43 -6.32
N GLN A 403 13.33 25.35 -6.04
CA GLN A 403 13.96 24.04 -5.93
C GLN A 403 14.72 23.71 -7.17
N ASN A 404 14.12 23.86 -8.35
CA ASN A 404 14.93 23.61 -9.54
C ASN A 404 16.21 24.45 -9.60
N ALA A 405 16.13 25.72 -9.21
CA ALA A 405 17.38 26.47 -9.15
C ALA A 405 18.35 25.76 -8.19
N LEU A 406 17.90 25.44 -6.97
CA LEU A 406 18.80 24.84 -5.97
C LEU A 406 19.37 23.52 -6.48
N ILE A 407 18.56 22.67 -7.11
CA ILE A 407 19.08 21.47 -7.68
C ILE A 407 20.18 21.83 -8.68
N VAL A 408 19.96 22.86 -9.53
CA VAL A 408 21.03 23.27 -10.45
C VAL A 408 22.34 23.68 -9.72
N ARG A 409 22.21 24.63 -8.80
CA ARG A 409 23.30 25.21 -8.01
C ARG A 409 24.14 24.15 -7.35
N TYR A 410 23.44 23.30 -6.64
CA TYR A 410 24.03 22.33 -5.75
C TYR A 410 24.63 21.18 -6.59
N THR A 411 23.97 20.85 -7.70
CA THR A 411 24.48 19.78 -8.55
C THR A 411 25.78 20.19 -9.25
N ARG A 412 25.89 21.47 -9.59
CA ARG A 412 27.15 22.00 -10.10
C ARG A 412 28.15 22.06 -8.99
N LYS A 413 27.71 22.57 -7.86
CA LYS A 413 28.53 22.68 -6.66
C LYS A 413 29.23 21.37 -6.24
N VAL A 414 28.52 20.25 -6.14
CA VAL A 414 29.07 19.06 -5.51
C VAL A 414 28.55 17.79 -6.20
N PRO A 415 28.86 17.64 -7.49
CA PRO A 415 28.20 16.61 -8.30
C PRO A 415 28.67 15.19 -8.00
N GLN A 416 29.74 15.04 -7.21
CA GLN A 416 30.16 13.68 -6.95
C GLN A 416 29.13 13.04 -6.03
N VAL A 417 28.38 13.90 -5.32
CA VAL A 417 27.29 13.55 -4.42
C VAL A 417 26.17 12.84 -5.17
N SER A 418 25.52 11.89 -4.51
CA SER A 418 24.45 11.08 -5.06
C SER A 418 23.08 11.74 -5.38
N THR A 419 22.48 11.29 -6.48
CA THR A 419 21.25 11.87 -6.95
C THR A 419 20.12 11.90 -5.90
N PRO A 420 19.91 10.81 -5.14
CA PRO A 420 18.76 10.90 -4.21
C PRO A 420 18.86 11.93 -3.10
N THR A 421 20.06 12.05 -2.57
CA THR A 421 20.45 13.05 -1.60
C THR A 421 20.43 14.46 -2.17
N LEU A 422 21.06 14.66 -3.35
CA LEU A 422 21.00 15.95 -4.08
C LEU A 422 19.58 16.41 -4.19
N VAL A 423 18.74 15.44 -4.57
CA VAL A 423 17.35 15.74 -4.76
C VAL A 423 16.72 16.15 -3.46
N GLU A 424 16.82 15.28 -2.43
CA GLU A 424 16.11 15.45 -1.14
C GLU A 424 16.51 16.74 -0.46
N VAL A 425 17.79 17.00 -0.57
CA VAL A 425 18.35 18.18 0.06
C VAL A 425 17.98 19.45 -0.66
N SER A 426 18.06 19.45 -1.99
CA SER A 426 17.64 20.63 -2.77
C SER A 426 16.17 20.94 -2.61
N ARG A 427 15.32 19.93 -2.66
CA ARG A 427 13.91 20.20 -2.34
C ARG A 427 13.78 20.87 -0.99
N SER A 428 14.33 20.22 0.05
CA SER A 428 14.20 20.80 1.42
C SER A 428 14.70 22.26 1.50
N LEU A 429 15.85 22.52 0.91
CA LEU A 429 16.34 23.88 0.85
C LEU A 429 15.30 24.75 0.15
N GLY A 430 14.57 24.18 -0.81
CA GLY A 430 13.56 24.92 -1.54
C GLY A 430 12.47 25.33 -0.58
N LYS A 431 12.14 24.50 0.40
CA LYS A 431 11.10 24.88 1.40
C LYS A 431 11.47 26.10 2.29
N VAL A 432 12.76 26.45 2.37
CA VAL A 432 13.08 27.59 3.22
C VAL A 432 12.37 28.90 2.81
N GLY A 433 12.28 29.22 1.52
CA GLY A 433 11.55 30.40 1.05
C GLY A 433 10.10 30.44 1.52
N THR A 434 9.38 29.33 1.33
CA THR A 434 8.00 29.27 1.77
C THR A 434 7.91 29.48 3.23
N ARG A 435 8.84 28.86 3.96
CA ARG A 435 8.76 28.90 5.42
C ARG A 435 9.15 30.25 6.00
N CYS A 436 9.96 31.00 5.28
CA CYS A 436 10.66 32.16 5.84
C CYS A 436 10.49 33.49 5.14
N CYS A 437 10.40 33.47 3.82
CA CYS A 437 10.51 34.68 3.04
C CYS A 437 9.43 35.74 3.33
N THR A 438 8.18 35.29 3.44
CA THR A 438 7.05 36.16 3.84
C THR A 438 7.22 36.83 5.23
N LYS A 439 8.13 36.30 6.07
CA LYS A 439 8.36 36.77 7.45
C LYS A 439 8.80 38.21 7.60
N PRO A 440 8.27 38.89 8.63
CA PRO A 440 8.69 40.26 8.99
C PRO A 440 10.18 40.24 9.37
N GLU A 441 10.92 41.31 9.12
CA GLU A 441 12.37 41.22 9.10
C GLU A 441 13.02 40.69 10.40
N SER A 442 12.48 41.09 11.55
CA SER A 442 13.00 40.73 12.88
C SER A 442 13.22 39.22 13.17
N GLU A 443 12.49 38.33 12.47
CA GLU A 443 12.70 36.88 12.51
C GLU A 443 13.51 36.27 11.35
N ARG A 444 13.53 36.96 10.21
CA ARG A 444 13.85 36.33 8.92
C ARG A 444 15.24 35.62 8.88
N MET A 445 16.28 36.31 9.37
CA MET A 445 17.56 35.72 9.54
C MET A 445 17.60 34.51 10.49
N PRO A 446 17.02 34.65 11.73
CA PRO A 446 16.96 33.48 12.62
C PRO A 446 16.24 32.34 11.94
N CYS A 447 15.16 32.73 11.26
CA CYS A 447 14.31 31.74 10.62
C CYS A 447 15.09 31.00 9.52
N THR A 448 15.85 31.71 8.69
CA THR A 448 16.43 31.03 7.60
C THR A 448 17.67 30.25 8.03
N GLU A 449 18.61 30.91 8.73
CA GLU A 449 19.89 30.30 9.12
C GLU A 449 19.64 29.07 9.90
N ASP A 450 18.69 29.16 10.82
CA ASP A 450 18.46 28.01 11.71
C ASP A 450 17.96 26.82 10.84
N TYR A 451 17.06 27.13 9.91
CA TYR A 451 16.51 26.09 9.09
C TYR A 451 17.60 25.43 8.20
N LEU A 452 18.60 26.21 7.80
CA LEU A 452 19.57 25.73 6.85
C LEU A 452 20.57 24.85 7.52
N SER A 453 20.92 25.20 8.76
CA SER A 453 21.82 24.35 9.55
C SER A 453 21.22 23.00 9.57
N LEU A 454 19.91 22.97 9.83
CA LEU A 454 19.14 21.74 9.89
C LEU A 454 19.24 20.88 8.65
N ILE A 455 18.99 21.50 7.49
CA ILE A 455 19.01 20.81 6.22
C ILE A 455 20.43 20.40 5.80
N LEU A 456 21.40 21.30 6.06
CA LEU A 456 22.80 20.99 5.77
C LEU A 456 23.30 19.89 6.71
N ASN A 457 22.69 19.75 7.88
CA ASN A 457 23.12 18.68 8.74
C ASN A 457 22.68 17.33 8.28
N ARG A 458 21.52 17.32 7.66
CA ARG A 458 20.92 16.17 7.03
C ARG A 458 21.80 15.77 5.83
N LEU A 459 22.38 16.76 5.17
CA LEU A 459 23.32 16.46 4.10
C LEU A 459 24.58 15.76 4.63
N CYS A 460 25.18 16.36 5.66
CA CYS A 460 26.35 15.81 6.27
C CYS A 460 26.11 14.40 6.76
N VAL A 461 24.97 14.21 7.41
CA VAL A 461 24.74 12.92 8.02
C VAL A 461 24.55 11.86 6.93
N LEU A 462 23.84 12.23 5.87
CA LEU A 462 23.69 11.31 4.76
C LEU A 462 25.04 11.15 4.06
N HIS A 463 25.85 12.22 3.92
CA HIS A 463 27.15 12.10 3.21
C HIS A 463 28.19 11.38 4.05
N GLU A 464 28.26 11.65 5.35
CA GLU A 464 29.26 11.00 6.19
C GLU A 464 29.27 9.45 6.07
N LYS A 465 28.12 8.88 5.81
CA LYS A 465 27.86 7.46 5.83
C LYS A 465 28.70 6.71 4.85
N THR A 466 28.71 7.15 3.59
CA THR A 466 29.66 6.63 2.62
C THR A 466 30.06 7.84 1.78
N PRO A 467 31.19 8.48 2.12
CA PRO A 467 31.55 9.80 1.62
C PRO A 467 32.04 9.73 0.18
N VAL A 468 31.55 10.62 -0.69
CA VAL A 468 32.00 10.62 -2.07
C VAL A 468 32.56 11.98 -2.50
N SER A 469 32.24 13.04 -1.75
CA SER A 469 32.73 14.35 -2.12
C SER A 469 33.56 14.93 -1.02
N GLU A 470 34.85 14.94 -1.22
CA GLU A 470 35.78 15.44 -0.21
C GLU A 470 35.42 16.88 0.03
N LYS A 471 34.81 17.49 -0.96
CA LYS A 471 34.42 18.87 -0.86
C LYS A 471 33.36 18.92 0.23
N VAL A 472 32.37 18.02 0.14
CA VAL A 472 31.33 17.95 1.17
C VAL A 472 31.90 17.67 2.57
N THR A 473 32.73 16.64 2.67
CA THR A 473 33.37 16.20 3.90
C THR A 473 34.04 17.36 4.59
N LYS A 474 34.72 18.16 3.78
CA LYS A 474 35.38 19.38 4.21
C LYS A 474 34.37 20.35 4.73
N CYS A 475 33.27 20.54 4.03
CA CYS A 475 32.38 21.58 4.54
C CYS A 475 31.67 21.17 5.83
N CYS A 476 31.29 19.91 5.87
CA CYS A 476 30.59 19.29 6.95
C CYS A 476 31.43 19.18 8.22
N THR A 477 32.69 18.78 8.09
CA THR A 477 33.53 18.47 9.27
C THR A 477 34.47 19.64 9.70
N GLU A 478 34.53 20.74 8.96
CA GLU A 478 35.51 21.75 9.34
C GLU A 478 35.14 22.35 10.67
N SER A 479 34.10 23.15 10.61
CA SER A 479 33.51 23.77 11.79
C SER A 479 32.03 23.62 11.67
N LEU A 480 31.42 23.27 12.79
CA LEU A 480 30.01 23.04 12.79
C LEU A 480 29.26 24.35 12.49
N VAL A 481 29.84 25.48 12.87
CA VAL A 481 29.08 26.69 12.76
C VAL A 481 29.23 27.40 11.39
N ASN A 482 30.28 27.04 10.65
CA ASN A 482 30.54 27.63 9.34
C ASN A 482 30.07 26.77 8.20
N ARG A 483 29.29 25.75 8.52
CA ARG A 483 28.77 24.89 7.48
C ARG A 483 28.12 25.75 6.40
N ARG A 484 27.17 26.57 6.79
CA ARG A 484 26.45 27.28 5.74
C ARG A 484 27.37 28.16 4.87
N PRO A 485 28.12 29.10 5.50
CA PRO A 485 28.96 29.95 4.67
C PRO A 485 29.89 29.13 3.78
N CYS A 486 30.51 28.12 4.39
CA CYS A 486 31.39 27.23 3.67
C CYS A 486 30.73 26.65 2.44
N PHE A 487 29.51 26.11 2.61
CA PHE A 487 28.76 25.57 1.48
C PHE A 487 28.38 26.65 0.50
N SER A 488 27.96 27.79 1.04
CA SER A 488 27.66 28.90 0.14
C SER A 488 28.90 29.25 -0.70
N ALA A 489 30.10 29.14 -0.10
CA ALA A 489 31.38 29.49 -0.76
C ALA A 489 31.95 28.53 -1.84
N LEU A 490 31.37 27.34 -1.98
CA LEU A 490 31.84 26.42 -2.99
C LEU A 490 31.51 26.93 -4.40
N THR A 491 32.50 26.93 -5.27
CA THR A 491 32.19 27.24 -6.66
C THR A 491 32.22 25.91 -7.39
N PRO A 492 31.61 25.87 -8.59
CA PRO A 492 31.68 24.63 -9.38
C PRO A 492 33.11 24.24 -9.70
N ASP A 493 33.28 23.01 -10.12
CA ASP A 493 34.61 22.48 -10.40
C ASP A 493 34.74 22.03 -11.82
N GLU A 494 35.75 22.54 -12.53
CA GLU A 494 35.93 22.10 -13.92
C GLU A 494 36.87 20.92 -14.12
N THR A 495 37.60 20.57 -13.07
CA THR A 495 38.28 19.29 -13.06
C THR A 495 37.21 18.20 -13.20
N TYR A 496 36.07 18.38 -12.53
CA TYR A 496 35.00 17.38 -12.57
C TYR A 496 34.77 16.96 -14.00
N VAL A 497 35.02 15.68 -14.25
CA VAL A 497 34.76 15.10 -15.57
C VAL A 497 33.31 14.74 -15.63
N PRO A 498 32.55 15.30 -16.58
CA PRO A 498 31.14 14.95 -16.81
C PRO A 498 30.91 13.46 -16.85
N LYS A 499 29.74 13.05 -16.46
CA LYS A 499 29.43 11.66 -16.32
C LYS A 499 28.87 11.21 -17.65
N ALA A 500 29.25 9.99 -18.00
CA ALA A 500 28.92 9.30 -19.25
C ALA A 500 27.44 9.17 -19.44
N PHE A 501 26.94 9.08 -20.67
CA PHE A 501 25.49 9.10 -20.82
C PHE A 501 24.90 7.74 -20.54
N ASP A 502 23.97 7.69 -19.56
CA ASP A 502 23.16 6.50 -19.23
C ASP A 502 21.71 6.73 -19.65
N GLU A 503 21.30 5.97 -20.68
CA GLU A 503 19.98 6.02 -21.21
C GLU A 503 18.97 5.69 -20.13
N LYS A 504 19.35 4.80 -19.21
CA LYS A 504 18.45 4.31 -18.18
C LYS A 504 17.95 5.46 -17.36
N LEU A 505 18.84 6.42 -17.14
CA LEU A 505 18.51 7.60 -16.36
C LEU A 505 17.48 8.55 -17.01
N PHE A 506 17.40 8.57 -18.33
CA PHE A 506 16.46 9.50 -18.96
C PHE A 506 15.50 8.78 -19.82
N THR A 507 15.09 7.58 -19.46
CA THR A 507 13.93 6.98 -20.13
C THR A 507 12.66 7.11 -19.23
N PHE A 508 11.54 7.58 -19.80
CA PHE A 508 10.34 7.83 -18.99
C PHE A 508 9.18 6.98 -19.47
N HIS A 509 8.35 6.52 -18.56
CA HIS A 509 7.33 5.61 -19.03
C HIS A 509 5.98 6.10 -18.59
N ALA A 510 4.95 5.40 -19.05
CA ALA A 510 3.57 5.80 -18.80
C ALA A 510 3.19 5.86 -17.31
N ASP A 511 4.01 5.26 -16.45
CA ASP A 511 3.77 5.32 -15.02
C ASP A 511 3.80 6.76 -14.44
N ILE A 512 4.51 7.67 -15.10
CA ILE A 512 4.69 9.02 -14.56
C ILE A 512 3.37 9.83 -14.48
N CYS A 513 2.40 9.49 -15.33
CA CYS A 513 1.09 10.13 -15.32
C CYS A 513 0.29 9.62 -14.13
N THR A 514 0.59 8.39 -13.73
CA THR A 514 -0.11 7.66 -12.66
C THR A 514 0.68 7.73 -11.33
N LEU A 515 1.38 8.84 -11.10
CA LEU A 515 2.15 9.02 -9.87
C LEU A 515 1.53 10.06 -8.96
N PRO A 516 1.57 9.80 -7.66
CA PRO A 516 1.30 10.88 -6.70
C PRO A 516 2.23 12.03 -7.09
N ASP A 517 1.76 13.27 -7.02
CA ASP A 517 2.52 14.47 -7.48
C ASP A 517 3.93 14.58 -6.89
N THR A 518 4.08 14.28 -5.59
CA THR A 518 5.39 14.26 -4.95
C THR A 518 6.37 13.41 -5.76
N GLU A 519 5.93 12.19 -6.07
CA GLU A 519 6.73 11.31 -6.90
C GLU A 519 6.99 11.84 -8.31
N LYS A 520 6.08 12.67 -8.82
CA LYS A 520 6.25 13.25 -10.15
C LYS A 520 7.40 14.24 -10.15
N GLN A 521 7.25 15.22 -9.27
CA GLN A 521 8.25 16.24 -9.13
C GLN A 521 9.62 15.63 -8.80
N ILE A 522 9.64 14.57 -7.99
CA ILE A 522 10.91 13.90 -7.67
C ILE A 522 11.51 13.20 -8.86
N LYS A 523 10.68 12.48 -9.64
CA LYS A 523 11.19 11.77 -10.83
C LYS A 523 11.82 12.77 -11.77
N LYS A 524 11.12 13.90 -11.90
CA LYS A 524 11.67 14.98 -12.71
C LYS A 524 12.93 15.57 -12.17
N GLN A 525 12.92 15.83 -10.87
CA GLN A 525 14.00 16.56 -10.28
C GLN A 525 15.24 15.66 -10.34
N THR A 526 14.98 14.37 -10.29
CA THR A 526 16.03 13.38 -10.39
C THR A 526 16.63 13.47 -11.76
N ALA A 527 15.75 13.58 -12.77
CA ALA A 527 16.25 13.65 -14.16
C ALA A 527 17.08 14.88 -14.35
N LEU A 528 16.61 16.00 -13.82
CA LEU A 528 17.36 17.22 -13.92
C LEU A 528 18.76 17.09 -13.30
N VAL A 529 18.83 16.57 -12.07
CA VAL A 529 20.13 16.33 -11.41
C VAL A 529 21.03 15.48 -12.33
N GLU A 530 20.45 14.43 -12.88
CA GLU A 530 21.28 13.54 -13.72
C GLU A 530 21.88 14.34 -14.90
N LEU A 531 21.01 15.08 -15.61
CA LEU A 531 21.39 15.85 -16.77
C LEU A 531 22.52 16.78 -16.45
N LEU A 532 22.46 17.33 -15.24
CA LEU A 532 23.52 18.25 -14.90
C LEU A 532 24.80 17.54 -14.48
N LYS A 533 24.71 16.29 -14.08
CA LYS A 533 25.99 15.58 -13.81
C LYS A 533 26.60 15.18 -15.16
N HIS A 534 25.74 14.98 -16.17
CA HIS A 534 26.14 14.60 -17.53
C HIS A 534 26.57 15.81 -18.34
N LYS A 535 25.86 16.90 -18.18
CA LYS A 535 26.23 18.11 -18.90
C LYS A 535 26.53 19.20 -17.91
N PRO A 536 27.66 19.10 -17.22
CA PRO A 536 28.00 20.04 -16.14
C PRO A 536 27.88 21.49 -16.54
N LYS A 537 28.17 21.83 -17.82
CA LYS A 537 28.24 23.23 -18.27
C LYS A 537 27.01 23.79 -19.05
N ALA A 538 25.89 23.09 -18.98
CA ALA A 538 24.69 23.61 -19.62
C ALA A 538 24.37 25.00 -19.04
N THR A 539 23.61 25.84 -19.72
CA THR A 539 23.35 27.17 -19.15
C THR A 539 21.89 27.32 -18.78
N GLU A 540 21.58 28.44 -18.13
CA GLU A 540 20.28 28.61 -17.53
C GLU A 540 19.17 28.61 -18.59
N GLU A 541 19.45 29.17 -19.77
CA GLU A 541 18.50 29.23 -20.91
C GLU A 541 18.38 27.88 -21.59
N GLN A 542 19.53 27.29 -21.93
CA GLN A 542 19.55 25.94 -22.48
C GLN A 542 18.74 25.02 -21.55
N LEU A 543 19.00 25.08 -20.23
CA LEU A 543 18.24 24.25 -19.27
C LEU A 543 16.75 24.57 -19.16
N LYS A 544 16.42 25.84 -19.17
CA LYS A 544 15.02 26.24 -19.22
C LYS A 544 14.32 25.63 -20.46
N THR A 545 14.95 25.74 -21.62
CA THR A 545 14.37 25.19 -22.83
C THR A 545 14.16 23.68 -22.67
N VAL A 546 15.21 22.98 -22.21
CA VAL A 546 15.12 21.54 -22.02
C VAL A 546 13.94 21.22 -21.16
N MET A 547 13.75 22.03 -20.13
CA MET A 547 12.61 21.86 -19.23
C MET A 547 11.27 22.01 -19.97
N GLU A 548 11.18 23.05 -20.78
CA GLU A 548 9.98 23.32 -21.55
C GLU A 548 9.67 22.11 -22.46
N ASN A 549 10.70 21.56 -23.09
CA ASN A 549 10.52 20.41 -23.94
C ASN A 549 10.05 19.21 -23.16
N PHE A 550 10.63 19.02 -21.98
CA PHE A 550 10.20 17.92 -21.13
C PHE A 550 8.71 18.02 -20.69
N VAL A 551 8.30 19.21 -20.23
CA VAL A 551 6.93 19.34 -19.74
C VAL A 551 5.93 19.24 -20.89
N ALA A 552 6.29 19.83 -22.05
CA ALA A 552 5.43 19.65 -23.23
C ALA A 552 5.26 18.14 -23.53
N PHE A 553 6.40 17.43 -23.55
CA PHE A 553 6.42 16.00 -23.85
C PHE A 553 5.58 15.14 -22.89
N VAL A 554 5.73 15.40 -21.58
CA VAL A 554 4.97 14.68 -20.55
C VAL A 554 3.50 14.96 -20.70
N ASP A 555 3.15 16.23 -20.87
CA ASP A 555 1.74 16.58 -21.01
C ASP A 555 1.13 15.83 -22.22
N LYS A 556 1.82 15.94 -23.36
CA LYS A 556 1.41 15.29 -24.60
C LYS A 556 1.17 13.78 -24.39
N CYS A 557 2.18 13.06 -23.89
CA CYS A 557 2.01 11.62 -23.78
C CYS A 557 1.00 11.19 -22.68
N CYS A 558 0.85 11.99 -21.63
CA CYS A 558 -0.14 11.66 -20.59
C CYS A 558 -1.55 11.80 -21.16
N ALA A 559 -1.70 12.77 -22.07
CA ALA A 559 -3.02 13.14 -22.59
C ALA A 559 -3.66 12.19 -23.62
N ALA A 560 -2.85 11.42 -24.33
CA ALA A 560 -3.41 10.46 -25.27
C ALA A 560 -3.97 9.24 -24.51
N ASP A 561 -5.00 8.58 -25.05
N ASP A 561 -4.98 8.58 -25.08
CA ASP A 561 -5.56 7.40 -24.37
CA ASP A 561 -5.58 7.41 -24.43
C ASP A 561 -4.61 6.20 -24.42
C ASP A 561 -4.69 6.17 -24.48
N ASP A 562 -3.80 6.12 -25.48
CA ASP A 562 -2.75 5.10 -25.52
C ASP A 562 -1.43 5.84 -25.40
N LYS A 563 -0.87 5.78 -24.20
CA LYS A 563 0.28 6.59 -23.80
C LYS A 563 1.62 5.89 -23.93
N GLU A 564 1.65 4.57 -23.75
CA GLU A 564 2.92 3.83 -23.76
C GLU A 564 3.53 3.93 -25.15
N ALA A 565 2.69 3.93 -26.17
CA ALA A 565 3.18 4.11 -27.51
C ALA A 565 3.75 5.52 -27.65
N CYS A 566 3.04 6.47 -27.08
CA CYS A 566 3.43 7.86 -27.22
C CYS A 566 4.79 8.14 -26.63
N PHE A 567 5.00 7.70 -25.38
CA PHE A 567 6.27 7.88 -24.68
C PHE A 567 7.30 7.09 -25.51
N ALA A 568 6.92 5.88 -25.93
CA ALA A 568 7.82 5.00 -26.66
C ALA A 568 8.40 5.71 -27.89
N VAL A 569 7.60 6.65 -28.44
CA VAL A 569 8.01 7.40 -29.64
C VAL A 569 8.60 8.83 -29.43
N GLU A 570 7.95 9.67 -28.63
CA GLU A 570 8.41 11.05 -28.33
C GLU A 570 9.60 11.09 -27.36
N GLY A 571 9.66 10.15 -26.41
CA GLY A 571 10.79 10.00 -25.50
C GLY A 571 12.15 10.02 -26.21
N PRO A 572 12.39 9.11 -27.16
CA PRO A 572 13.71 9.26 -27.81
C PRO A 572 13.90 10.57 -28.61
N LYS A 573 12.80 11.15 -29.11
CA LYS A 573 12.82 12.43 -29.79
C LYS A 573 13.34 13.54 -28.86
N LEU A 574 12.92 13.48 -27.61
CA LEU A 574 13.42 14.39 -26.58
C LEU A 574 14.93 14.19 -26.33
N VAL A 575 15.33 12.91 -26.27
CA VAL A 575 16.72 12.62 -25.99
C VAL A 575 17.51 13.27 -27.10
N VAL A 576 17.16 12.98 -28.34
CA VAL A 576 17.86 13.51 -29.51
C VAL A 576 17.95 15.03 -29.48
N SER A 577 16.78 15.62 -29.37
CA SER A 577 16.74 17.05 -29.31
C SER A 577 17.67 17.51 -28.16
N THR A 578 17.50 16.98 -26.96
CA THR A 578 18.29 17.50 -25.87
C THR A 578 19.79 17.36 -26.08
N GLN A 579 20.22 16.21 -26.58
CA GLN A 579 21.62 15.99 -26.87
C GLN A 579 22.11 16.93 -27.96
N THR A 580 21.20 17.38 -28.79
CA THR A 580 21.62 18.27 -29.82
C THR A 580 21.84 19.65 -29.22
N ALA A 581 20.87 20.14 -28.45
CA ALA A 581 20.98 21.41 -27.75
C ALA A 581 22.24 21.56 -26.87
N LEU A 582 22.55 20.49 -26.16
CA LEU A 582 23.64 20.50 -25.19
C LEU A 582 24.89 19.91 -25.75
N ALA A 583 24.90 19.77 -27.08
CA ALA A 583 26.00 19.11 -27.78
C ALA A 583 27.33 19.77 -27.40
N THR B 2 -12.56 -50.33 16.26
CA THR B 2 -12.72 -49.97 14.85
C THR B 2 -12.61 -48.45 14.67
N HIS B 3 -11.38 -48.00 14.46
CA HIS B 3 -11.07 -46.56 14.42
C HIS B 3 -10.40 -46.08 13.12
N LYS B 4 -11.13 -45.20 12.42
CA LYS B 4 -10.65 -44.54 11.20
C LYS B 4 -10.88 -43.04 11.37
N SER B 5 -9.83 -42.27 11.08
CA SER B 5 -9.85 -40.84 11.32
C SER B 5 -9.86 -40.04 9.98
N GLU B 6 -10.88 -39.19 9.80
CA GLU B 6 -10.97 -38.45 8.58
C GLU B 6 -9.78 -37.53 8.45
N ILE B 7 -9.46 -36.81 9.51
CA ILE B 7 -8.34 -35.93 9.31
C ILE B 7 -7.03 -36.74 9.06
N ALA B 8 -6.87 -37.92 9.70
CA ALA B 8 -5.65 -38.74 9.51
C ALA B 8 -5.56 -39.11 8.04
N HIS B 9 -6.66 -39.61 7.50
CA HIS B 9 -6.77 -40.01 6.11
C HIS B 9 -6.42 -38.90 5.09
N ARG B 10 -6.99 -37.70 5.22
CA ARG B 10 -6.66 -36.60 4.37
C ARG B 10 -5.18 -36.32 4.48
N PHE B 11 -4.63 -36.44 5.69
CA PHE B 11 -3.23 -36.04 5.82
C PHE B 11 -2.33 -37.08 5.15
N LYS B 12 -2.72 -38.35 5.25
CA LYS B 12 -1.90 -39.36 4.60
C LYS B 12 -2.00 -39.18 3.08
N ASP B 13 -3.20 -39.17 2.52
CA ASP B 13 -3.40 -39.09 1.09
C ASP B 13 -2.89 -37.79 0.50
N LEU B 14 -2.90 -36.71 1.27
CA LEU B 14 -2.64 -35.48 0.55
C LEU B 14 -1.18 -35.15 0.64
N GLY B 15 -0.57 -35.58 1.72
CA GLY B 15 0.78 -35.19 1.98
C GLY B 15 0.80 -33.85 2.63
N GLU B 16 1.72 -33.66 3.56
CA GLU B 16 1.82 -32.41 4.32
C GLU B 16 1.71 -31.12 3.52
N GLU B 17 2.44 -31.04 2.41
CA GLU B 17 2.56 -29.75 1.77
C GLU B 17 1.16 -29.25 1.31
N HIS B 18 0.49 -30.09 0.54
CA HIS B 18 -0.84 -29.84 0.05
C HIS B 18 -1.92 -29.77 1.14
N PHE B 19 -1.78 -30.62 2.18
CA PHE B 19 -2.64 -30.53 3.33
C PHE B 19 -2.70 -29.08 3.85
N LYS B 20 -1.54 -28.53 4.18
CA LYS B 20 -1.47 -27.14 4.61
C LYS B 20 -1.94 -26.19 3.56
N GLY B 21 -1.77 -26.50 2.28
CA GLY B 21 -2.11 -25.48 1.31
C GLY B 21 -3.62 -25.34 1.43
N LEU B 22 -4.26 -26.48 1.34
CA LEU B 22 -5.68 -26.58 1.45
C LEU B 22 -6.23 -25.98 2.70
N VAL B 23 -5.66 -26.29 3.87
CA VAL B 23 -6.20 -25.71 5.11
C VAL B 23 -6.01 -24.16 5.06
N LEU B 24 -4.83 -23.70 4.66
CA LEU B 24 -4.65 -22.25 4.48
C LEU B 24 -5.71 -21.63 3.58
N ILE B 25 -5.98 -22.35 2.48
CA ILE B 25 -7.00 -21.83 1.59
C ILE B 25 -8.31 -21.65 2.36
N ALA B 26 -8.78 -22.75 2.98
CA ALA B 26 -10.05 -22.76 3.77
C ALA B 26 -10.12 -21.61 4.75
N PHE B 27 -9.13 -21.48 5.60
CA PHE B 27 -9.14 -20.33 6.51
C PHE B 27 -9.19 -19.01 5.78
N SER B 28 -8.48 -18.89 4.68
CA SER B 28 -8.53 -17.65 3.92
C SER B 28 -9.90 -17.39 3.27
N GLN B 29 -10.64 -18.44 2.94
CA GLN B 29 -11.92 -18.27 2.29
C GLN B 29 -13.08 -18.06 3.31
N TYR B 30 -12.94 -18.61 4.51
CA TYR B 30 -14.00 -18.43 5.51
C TYR B 30 -13.83 -17.13 6.26
N LEU B 31 -12.60 -16.83 6.69
CA LEU B 31 -12.34 -15.63 7.46
C LEU B 31 -11.60 -14.69 6.54
N GLN B 32 -12.30 -13.98 5.66
CA GLN B 32 -11.59 -13.32 4.59
C GLN B 32 -10.86 -12.03 5.01
N GLN B 33 -10.89 -11.65 6.28
CA GLN B 33 -10.40 -10.31 6.64
C GLN B 33 -9.22 -10.31 7.57
N CYS B 34 -8.79 -11.50 7.95
CA CYS B 34 -7.76 -11.63 8.97
C CYS B 34 -6.34 -11.65 8.33
N PRO B 35 -5.32 -11.31 9.11
CA PRO B 35 -3.94 -11.34 8.59
C PRO B 35 -3.40 -12.74 8.23
N PHE B 36 -2.56 -12.78 7.22
CA PHE B 36 -1.85 -13.99 6.77
C PHE B 36 -1.17 -14.80 7.93
N ASP B 37 -0.51 -14.08 8.83
CA ASP B 37 0.15 -14.69 9.98
C ASP B 37 -0.75 -15.55 10.82
N GLU B 38 -1.90 -15.01 11.17
CA GLU B 38 -2.78 -15.70 12.09
C GLU B 38 -3.19 -17.06 11.53
N HIS B 39 -3.50 -17.01 10.25
CA HIS B 39 -3.96 -18.14 9.49
C HIS B 39 -2.82 -19.14 9.45
N VAL B 40 -1.60 -18.64 9.34
CA VAL B 40 -0.49 -19.58 9.36
C VAL B 40 -0.50 -20.36 10.70
N LYS B 41 -0.79 -19.64 11.78
CA LYS B 41 -0.85 -20.27 13.09
C LYS B 41 -1.92 -21.36 13.16
N LEU B 42 -3.04 -21.05 12.56
CA LEU B 42 -4.15 -21.96 12.55
C LEU B 42 -3.81 -23.22 11.81
N VAL B 43 -3.22 -23.06 10.64
CA VAL B 43 -2.82 -24.18 9.81
C VAL B 43 -1.76 -25.04 10.51
N ASN B 44 -0.83 -24.41 11.22
CA ASN B 44 0.21 -25.18 11.88
C ASN B 44 -0.37 -26.01 13.04
N GLU B 45 -1.32 -25.43 13.75
CA GLU B 45 -2.06 -26.17 14.77
C GLU B 45 -2.91 -27.28 14.21
N LEU B 46 -3.58 -27.03 13.09
CA LEU B 46 -4.52 -28.02 12.62
C LEU B 46 -3.76 -29.25 12.18
N THR B 47 -2.62 -28.97 11.54
CA THR B 47 -1.71 -29.96 11.04
C THR B 47 -0.91 -30.73 12.09
N GLU B 48 -0.48 -30.03 13.14
CA GLU B 48 0.10 -30.76 14.26
C GLU B 48 -0.96 -31.77 14.78
N PHE B 49 -2.22 -31.33 14.76
CA PHE B 49 -3.27 -32.18 15.20
C PHE B 49 -3.45 -33.36 14.31
N ALA B 50 -3.38 -33.12 13.00
CA ALA B 50 -3.51 -34.24 12.08
C ALA B 50 -2.41 -35.25 12.30
N LYS B 51 -1.24 -34.74 12.67
CA LYS B 51 -0.12 -35.62 12.88
C LYS B 51 -0.36 -36.57 14.07
N THR B 52 -0.72 -35.97 15.18
CA THR B 52 -1.22 -36.75 16.26
C THR B 52 -2.26 -37.78 15.79
N CYS B 53 -3.18 -37.43 14.92
CA CYS B 53 -4.15 -38.46 14.57
C CYS B 53 -3.58 -39.56 13.75
N VAL B 54 -2.69 -39.23 12.80
CA VAL B 54 -2.10 -40.24 11.93
C VAL B 54 -1.33 -41.22 12.76
N ALA B 55 -0.55 -40.70 13.70
CA ALA B 55 0.13 -41.59 14.62
C ALA B 55 -0.82 -42.56 15.34
N ASP B 56 -1.79 -42.00 16.04
CA ASP B 56 -2.79 -42.76 16.80
C ASP B 56 -4.18 -42.33 16.43
N GLU B 57 -4.92 -43.19 15.70
CA GLU B 57 -6.23 -42.73 15.17
C GLU B 57 -7.31 -42.67 16.28
N SER B 58 -6.92 -43.05 17.48
CA SER B 58 -7.83 -43.14 18.61
C SER B 58 -7.59 -41.99 19.60
N HIS B 59 -6.56 -41.17 19.33
CA HIS B 59 -6.40 -39.95 20.14
C HIS B 59 -7.72 -39.11 20.12
N ALA B 60 -7.96 -38.42 21.22
CA ALA B 60 -9.13 -37.55 21.42
C ALA B 60 -9.28 -36.52 20.28
N GLY B 61 -10.38 -36.62 19.52
CA GLY B 61 -10.73 -35.64 18.50
C GLY B 61 -10.62 -36.13 17.06
N CYS B 62 -9.75 -37.07 16.86
CA CYS B 62 -9.44 -37.61 15.55
C CYS B 62 -10.68 -38.27 14.92
N GLU B 63 -11.75 -38.47 15.69
CA GLU B 63 -12.99 -39.11 15.17
C GLU B 63 -13.95 -38.03 14.71
N LYS B 64 -13.54 -36.78 14.92
CA LYS B 64 -14.42 -35.69 14.60
C LYS B 64 -14.30 -35.34 13.14
N SER B 65 -15.43 -35.13 12.49
CA SER B 65 -15.42 -34.69 11.06
C SER B 65 -14.62 -33.39 10.92
N LEU B 66 -14.17 -33.11 9.68
CA LEU B 66 -13.34 -31.93 9.39
C LEU B 66 -14.08 -30.61 9.53
N HIS B 67 -15.34 -30.58 9.16
CA HIS B 67 -16.12 -29.40 9.48
C HIS B 67 -16.23 -29.16 10.98
N THR B 68 -16.40 -30.24 11.75
CA THR B 68 -16.41 -30.08 13.22
C THR B 68 -15.10 -29.46 13.68
N LEU B 69 -13.94 -29.99 13.18
CA LEU B 69 -12.66 -29.54 13.72
C LEU B 69 -12.24 -28.10 13.20
N PHE B 70 -12.42 -27.94 11.91
CA PHE B 70 -12.23 -26.66 11.32
C PHE B 70 -13.23 -25.60 11.97
N GLY B 71 -14.51 -25.92 12.06
CA GLY B 71 -15.43 -25.06 12.83
C GLY B 71 -14.97 -24.67 14.23
N ASP B 72 -14.51 -25.65 15.00
CA ASP B 72 -14.01 -25.40 16.35
C ASP B 72 -12.81 -24.40 16.37
N GLU B 73 -11.93 -24.51 15.38
CA GLU B 73 -10.87 -23.50 15.26
C GLU B 73 -11.37 -22.06 14.93
N LEU B 74 -12.39 -21.93 14.09
CA LEU B 74 -12.91 -20.59 13.85
C LEU B 74 -13.45 -20.06 15.17
N CYS B 75 -14.36 -20.86 15.78
CA CYS B 75 -15.06 -20.40 17.00
C CYS B 75 -14.06 -20.09 18.09
N LYS B 76 -12.79 -20.49 17.95
CA LYS B 76 -11.83 -20.10 18.98
C LYS B 76 -11.06 -18.83 18.62
N VAL B 77 -11.28 -18.25 17.45
CA VAL B 77 -10.55 -17.01 17.15
C VAL B 77 -11.07 -15.81 17.94
N ALA B 78 -10.18 -15.14 18.67
CA ALA B 78 -10.60 -14.10 19.63
C ALA B 78 -11.16 -12.86 18.97
N SER B 79 -10.64 -12.52 17.81
CA SER B 79 -11.12 -11.32 17.17
C SER B 79 -12.42 -11.57 16.40
N LEU B 80 -12.99 -12.77 16.48
CA LEU B 80 -14.09 -13.17 15.58
C LEU B 80 -15.35 -12.25 15.54
N ARG B 81 -16.08 -12.08 16.63
CA ARG B 81 -17.30 -11.26 16.59
C ARG B 81 -17.02 -9.79 16.23
N GLU B 82 -15.90 -9.27 16.69
CA GLU B 82 -15.54 -7.88 16.42
C GLU B 82 -15.17 -7.60 14.93
N THR B 83 -14.50 -8.51 14.22
CA THR B 83 -14.27 -8.29 12.79
C THR B 83 -15.48 -8.68 11.92
N TYR B 84 -16.18 -9.74 12.32
CA TYR B 84 -17.10 -10.34 11.37
C TYR B 84 -18.52 -10.32 11.77
N GLY B 85 -18.76 -9.82 12.98
CA GLY B 85 -20.10 -9.56 13.48
C GLY B 85 -20.95 -10.80 13.60
N ASP B 86 -22.06 -10.78 12.87
CA ASP B 86 -23.05 -11.82 12.99
C ASP B 86 -22.49 -13.24 12.75
N MET B 87 -21.37 -13.32 12.01
CA MET B 87 -20.77 -14.63 11.76
C MET B 87 -20.41 -15.43 13.02
N ALA B 88 -20.13 -14.74 14.13
CA ALA B 88 -19.83 -15.39 15.44
C ALA B 88 -21.04 -16.03 16.15
N ASP B 89 -22.24 -15.73 15.68
CA ASP B 89 -23.46 -16.46 16.03
C ASP B 89 -23.48 -17.88 15.50
N CYS B 90 -22.75 -18.12 14.43
CA CYS B 90 -22.60 -19.45 13.89
C CYS B 90 -22.04 -20.42 14.93
N CYS B 91 -21.14 -19.91 15.74
CA CYS B 91 -20.59 -20.69 16.80
C CYS B 91 -21.60 -21.35 17.80
N GLU B 92 -22.73 -20.70 18.04
CA GLU B 92 -23.74 -21.18 18.97
C GLU B 92 -24.63 -22.19 18.25
N LYS B 93 -24.30 -22.41 17.00
CA LYS B 93 -24.99 -23.46 16.28
C LYS B 93 -24.18 -24.75 16.27
N GLN B 94 -24.88 -25.85 15.97
CA GLN B 94 -24.33 -27.16 15.80
C GLN B 94 -24.11 -27.54 14.35
N GLU B 95 -23.24 -28.52 14.07
CA GLU B 95 -23.13 -29.05 12.71
C GLU B 95 -24.43 -29.77 12.42
N PRO B 96 -24.86 -29.76 11.15
CA PRO B 96 -24.32 -29.08 9.95
C PRO B 96 -24.62 -27.59 9.81
N GLU B 97 -25.58 -27.11 10.57
CA GLU B 97 -26.05 -25.73 10.45
C GLU B 97 -24.96 -24.70 10.62
N ARG B 98 -23.96 -25.04 11.44
CA ARG B 98 -22.98 -24.08 11.81
C ARG B 98 -22.14 -23.77 10.60
N ASN B 99 -21.81 -24.83 9.84
CA ASN B 99 -21.04 -24.62 8.62
C ASN B 99 -21.88 -23.97 7.52
N GLU B 100 -23.14 -24.35 7.40
CA GLU B 100 -24.03 -23.63 6.49
C GLU B 100 -24.04 -22.13 6.74
N CYS B 101 -24.16 -21.77 7.99
CA CYS B 101 -24.21 -20.36 8.41
C CYS B 101 -22.89 -19.61 8.19
N PHE B 102 -21.81 -20.29 8.50
CA PHE B 102 -20.51 -19.86 8.15
C PHE B 102 -20.35 -19.58 6.62
N LEU B 103 -20.85 -20.49 5.80
CA LEU B 103 -20.79 -20.35 4.36
C LEU B 103 -21.58 -19.15 3.91
N SER B 104 -22.69 -18.91 4.57
CA SER B 104 -23.50 -17.82 4.13
C SER B 104 -22.76 -16.52 4.40
N HIS B 105 -21.85 -16.46 5.39
CA HIS B 105 -21.09 -15.18 5.47
C HIS B 105 -19.90 -14.99 4.46
N LYS B 106 -19.69 -15.91 3.49
CA LYS B 106 -18.61 -15.74 2.48
C LYS B 106 -18.84 -14.47 1.63
N ASP B 107 -17.96 -13.47 1.72
CA ASP B 107 -18.25 -12.22 1.09
C ASP B 107 -17.97 -12.35 -0.41
N ASP B 108 -18.98 -12.24 -1.29
CA ASP B 108 -18.63 -12.41 -2.67
C ASP B 108 -17.93 -11.17 -3.25
N SER B 109 -17.92 -10.08 -2.47
CA SER B 109 -17.33 -8.81 -2.91
C SER B 109 -16.60 -8.00 -1.83
N PRO B 110 -15.52 -8.55 -1.28
CA PRO B 110 -14.88 -7.90 -0.13
C PRO B 110 -14.03 -6.73 -0.58
N ASP B 111 -14.06 -5.62 0.12
CA ASP B 111 -13.31 -4.48 -0.42
C ASP B 111 -11.85 -4.59 -0.01
N LEU B 112 -11.09 -5.28 -0.86
CA LEU B 112 -9.73 -5.61 -0.57
C LEU B 112 -8.92 -4.88 -1.61
N PRO B 113 -7.79 -4.30 -1.19
CA PRO B 113 -6.86 -3.67 -2.12
C PRO B 113 -6.73 -4.51 -3.40
N LYS B 114 -6.69 -3.86 -4.56
CA LYS B 114 -6.52 -4.59 -5.81
C LYS B 114 -5.06 -4.95 -5.93
N LEU B 115 -4.79 -6.17 -6.39
CA LEU B 115 -3.42 -6.68 -6.42
C LEU B 115 -2.63 -6.04 -7.55
N LYS B 116 -1.58 -5.34 -7.14
CA LYS B 116 -0.60 -4.69 -8.04
C LYS B 116 0.85 -4.97 -7.59
N PRO B 117 1.55 -5.82 -8.36
CA PRO B 117 2.87 -6.46 -8.14
C PRO B 117 4.09 -5.54 -8.27
N ASP B 118 5.06 -5.69 -7.36
CA ASP B 118 6.32 -4.94 -7.42
C ASP B 118 7.53 -5.86 -7.45
N PRO B 119 8.12 -6.04 -8.65
CA PRO B 119 9.15 -7.05 -8.90
C PRO B 119 10.30 -7.12 -7.88
N ASN B 120 10.85 -6.00 -7.41
CA ASN B 120 12.00 -6.11 -6.52
C ASN B 120 11.62 -6.67 -5.16
N THR B 121 10.58 -6.10 -4.60
CA THR B 121 10.03 -6.58 -3.34
C THR B 121 9.56 -8.03 -3.49
N LEU B 122 8.87 -8.32 -4.59
CA LEU B 122 8.27 -9.65 -4.78
C LEU B 122 9.31 -10.76 -5.05
N CYS B 123 10.33 -10.43 -5.83
CA CYS B 123 11.45 -11.33 -6.10
C CYS B 123 12.33 -11.50 -4.87
N ASP B 124 12.45 -10.43 -4.09
CA ASP B 124 13.19 -10.57 -2.84
C ASP B 124 12.43 -11.51 -1.93
N GLU B 125 11.17 -11.23 -1.63
CA GLU B 125 10.32 -12.14 -0.84
C GLU B 125 10.38 -13.61 -1.31
N PHE B 126 10.39 -13.80 -2.63
CA PHE B 126 10.45 -15.14 -3.20
C PHE B 126 11.75 -15.84 -2.95
N LYS B 127 12.86 -15.12 -3.18
CA LYS B 127 14.20 -15.70 -2.99
C LYS B 127 14.42 -15.92 -1.49
N ALA B 128 13.87 -15.01 -0.71
CA ALA B 128 13.88 -15.06 0.74
C ALA B 128 13.18 -16.30 1.30
N ASP B 129 11.95 -16.53 0.88
CA ASP B 129 11.15 -17.59 1.48
C ASP B 129 10.09 -18.05 0.48
N GLU B 130 10.40 -19.16 -0.19
CA GLU B 130 9.57 -19.67 -1.25
C GLU B 130 8.25 -20.24 -0.79
N LYS B 131 8.30 -21.05 0.26
CA LYS B 131 7.09 -21.66 0.78
C LYS B 131 6.15 -20.55 1.27
N LYS B 132 6.69 -19.58 1.99
CA LYS B 132 5.84 -18.55 2.57
C LYS B 132 5.26 -17.67 1.46
N PHE B 133 5.97 -17.59 0.34
CA PHE B 133 5.58 -16.80 -0.83
C PHE B 133 4.43 -17.46 -1.52
N TRP B 134 4.61 -18.78 -1.70
CA TRP B 134 3.57 -19.64 -2.20
C TRP B 134 2.28 -19.44 -1.39
N GLY B 135 2.43 -19.58 -0.08
CA GLY B 135 1.34 -19.42 0.86
C GLY B 135 0.72 -18.05 0.79
N LYS B 136 1.52 -17.01 0.61
CA LYS B 136 0.91 -15.68 0.53
C LYS B 136 0.00 -15.57 -0.73
N TYR B 137 0.42 -16.21 -1.81
CA TYR B 137 -0.39 -16.25 -2.99
C TYR B 137 -1.74 -16.98 -2.73
N LEU B 138 -1.65 -18.21 -2.19
CA LEU B 138 -2.86 -18.95 -1.79
C LEU B 138 -3.83 -18.05 -1.01
N TYR B 139 -3.31 -17.38 0.01
CA TYR B 139 -4.10 -16.48 0.84
C TYR B 139 -4.73 -15.28 0.02
N GLU B 140 -3.93 -14.49 -0.68
CA GLU B 140 -4.52 -13.34 -1.40
C GLU B 140 -5.53 -13.76 -2.40
N ILE B 141 -5.32 -14.88 -3.10
CA ILE B 141 -6.39 -15.25 -4.04
C ILE B 141 -7.65 -15.81 -3.34
N ALA B 142 -7.49 -16.73 -2.37
CA ALA B 142 -8.58 -17.35 -1.65
C ALA B 142 -9.41 -16.34 -0.92
N ARG B 143 -8.75 -15.36 -0.33
CA ARG B 143 -9.44 -14.23 0.32
C ARG B 143 -10.38 -13.58 -0.70
N ARG B 144 -9.95 -13.50 -1.94
CA ARG B 144 -10.73 -12.74 -2.92
C ARG B 144 -11.70 -13.60 -3.71
N HIS B 145 -11.53 -14.92 -3.65
CA HIS B 145 -12.46 -15.80 -4.33
C HIS B 145 -12.79 -16.93 -3.39
N PRO B 146 -13.80 -16.67 -2.54
CA PRO B 146 -14.07 -17.57 -1.41
C PRO B 146 -14.73 -18.84 -1.89
N TYR B 147 -14.96 -18.89 -3.18
CA TYR B 147 -15.41 -20.16 -3.74
C TYR B 147 -14.40 -20.65 -4.75
N PHE B 148 -13.17 -20.12 -4.71
CA PHE B 148 -12.23 -20.63 -5.67
C PHE B 148 -12.00 -22.14 -5.48
N TYR B 149 -12.03 -22.87 -6.59
CA TYR B 149 -11.74 -24.31 -6.71
C TYR B 149 -10.35 -24.66 -6.20
N ALA B 150 -10.29 -25.29 -5.02
CA ALA B 150 -9.12 -25.33 -4.16
C ALA B 150 -7.87 -26.03 -4.73
N PRO B 151 -8.01 -27.24 -5.29
CA PRO B 151 -6.91 -27.87 -5.98
C PRO B 151 -6.39 -27.06 -7.21
N GLU B 152 -7.29 -26.30 -7.80
CA GLU B 152 -6.92 -25.61 -9.03
C GLU B 152 -6.10 -24.42 -8.61
N LEU B 153 -6.40 -23.95 -7.41
CA LEU B 153 -5.69 -22.83 -6.84
C LEU B 153 -4.32 -23.26 -6.41
N LEU B 154 -4.19 -24.50 -5.92
CA LEU B 154 -2.82 -25.00 -5.62
C LEU B 154 -2.01 -25.08 -6.92
N TYR B 155 -2.60 -25.67 -7.96
CA TYR B 155 -1.97 -25.72 -9.27
C TYR B 155 -1.42 -24.35 -9.64
N TYR B 156 -2.24 -23.33 -9.50
CA TYR B 156 -1.83 -22.00 -9.75
C TYR B 156 -0.74 -21.52 -8.84
N ALA B 157 -0.72 -21.97 -7.60
CA ALA B 157 0.26 -21.46 -6.68
C ALA B 157 1.61 -21.89 -7.23
N ASN B 158 1.63 -23.12 -7.74
CA ASN B 158 2.81 -23.64 -8.38
C ASN B 158 3.21 -22.83 -9.62
N LYS B 159 2.35 -22.79 -10.63
CA LYS B 159 2.68 -22.02 -11.82
C LYS B 159 3.17 -20.58 -11.51
N TYR B 160 2.52 -19.88 -10.59
CA TYR B 160 3.06 -18.61 -10.10
C TYR B 160 4.54 -18.80 -9.62
N ASN B 161 4.82 -19.75 -8.74
CA ASN B 161 6.20 -19.91 -8.28
C ASN B 161 7.12 -20.19 -9.52
N GLY B 162 6.70 -20.99 -10.49
CA GLY B 162 7.52 -21.20 -11.68
C GLY B 162 7.86 -19.89 -12.41
N VAL B 163 6.87 -19.04 -12.45
CA VAL B 163 7.06 -17.69 -12.91
C VAL B 163 8.12 -16.97 -12.11
N PHE B 164 8.02 -17.01 -10.77
CA PHE B 164 8.97 -16.24 -9.98
C PHE B 164 10.38 -16.80 -10.01
N GLN B 165 10.50 -18.11 -10.22
CA GLN B 165 11.81 -18.72 -10.30
C GLN B 165 12.49 -18.33 -11.59
N GLU B 166 11.77 -18.44 -12.72
CA GLU B 166 12.40 -18.11 -14.00
C GLU B 166 12.70 -16.60 -14.06
N CYS B 167 11.69 -15.77 -13.86
CA CYS B 167 11.87 -14.36 -14.10
C CYS B 167 12.81 -13.62 -13.13
N CYS B 168 12.83 -14.00 -11.87
CA CYS B 168 13.72 -13.33 -10.90
C CYS B 168 15.20 -13.45 -11.25
N GLN B 169 15.53 -14.50 -12.00
CA GLN B 169 16.88 -14.73 -12.47
C GLN B 169 17.31 -13.59 -13.37
N ALA B 170 16.39 -13.15 -14.21
CA ALA B 170 16.72 -12.23 -15.30
C ALA B 170 17.22 -10.88 -14.82
N GLU B 171 17.77 -10.14 -15.78
CA GLU B 171 18.32 -8.82 -15.60
C GLU B 171 17.18 -7.80 -15.51
N ASP B 172 16.25 -7.87 -16.45
CA ASP B 172 15.01 -7.11 -16.32
C ASP B 172 13.85 -8.00 -15.78
N LYS B 173 13.57 -7.88 -14.48
CA LYS B 173 12.58 -8.71 -13.78
C LYS B 173 11.12 -8.40 -14.18
N GLY B 174 10.77 -7.12 -14.14
CA GLY B 174 9.46 -6.74 -14.55
C GLY B 174 9.16 -7.18 -15.98
N ALA B 175 10.13 -7.05 -16.88
CA ALA B 175 9.88 -7.30 -18.30
C ALA B 175 9.46 -8.74 -18.61
N CYS B 176 10.06 -9.67 -17.88
CA CYS B 176 9.74 -11.10 -17.91
C CYS B 176 8.43 -11.39 -17.11
N LEU B 177 8.33 -10.84 -15.89
CA LEU B 177 7.18 -11.10 -15.02
C LEU B 177 5.85 -10.57 -15.47
N LEU B 178 5.78 -9.27 -15.72
CA LEU B 178 4.47 -8.64 -15.90
C LEU B 178 3.56 -9.26 -16.99
N PRO B 179 4.09 -9.52 -18.22
CA PRO B 179 3.22 -10.15 -19.25
C PRO B 179 2.63 -11.48 -18.77
N LYS B 180 3.47 -12.23 -18.05
CA LYS B 180 3.11 -13.55 -17.55
C LYS B 180 2.06 -13.51 -16.45
N ILE B 181 2.22 -12.58 -15.51
CA ILE B 181 1.25 -12.44 -14.43
C ILE B 181 -0.09 -11.87 -14.93
N GLU B 182 0.01 -11.04 -15.99
CA GLU B 182 -1.16 -10.57 -16.73
C GLU B 182 -2.00 -11.74 -17.31
N THR B 183 -1.34 -12.61 -18.06
CA THR B 183 -1.97 -13.83 -18.58
C THR B 183 -2.56 -14.69 -17.47
N MET B 184 -1.74 -14.92 -16.44
CA MET B 184 -2.20 -15.76 -15.39
C MET B 184 -3.47 -15.13 -14.75
N ARG B 185 -3.49 -13.81 -14.50
CA ARG B 185 -4.65 -13.18 -13.86
C ARG B 185 -5.85 -13.46 -14.64
N GLU B 186 -5.71 -13.36 -15.95
CA GLU B 186 -6.84 -13.69 -16.83
C GLU B 186 -7.38 -15.11 -16.62
N LYS B 187 -6.48 -16.08 -16.63
CA LYS B 187 -6.89 -17.47 -16.52
C LYS B 187 -7.52 -17.68 -15.10
N VAL B 188 -7.06 -16.92 -14.10
CA VAL B 188 -7.59 -17.07 -12.75
C VAL B 188 -8.99 -16.50 -12.65
N LEU B 189 -9.20 -15.20 -12.97
CA LEU B 189 -10.57 -14.67 -12.93
C LEU B 189 -11.55 -15.55 -13.72
N THR B 190 -11.08 -16.11 -14.85
CA THR B 190 -11.94 -17.10 -15.53
C THR B 190 -12.28 -18.29 -14.60
N SER B 191 -11.23 -18.91 -14.05
CA SER B 191 -11.44 -20.16 -13.30
C SER B 191 -12.43 -19.95 -12.17
N SER B 192 -12.27 -18.81 -11.49
CA SER B 192 -13.12 -18.41 -10.36
C SER B 192 -14.59 -18.33 -10.78
N ALA B 193 -14.88 -17.55 -11.84
CA ALA B 193 -16.26 -17.42 -12.30
C ALA B 193 -16.87 -18.74 -12.56
N ARG B 194 -16.14 -19.55 -13.32
CA ARG B 194 -16.71 -20.84 -13.69
C ARG B 194 -17.08 -21.68 -12.45
N GLN B 195 -16.23 -21.62 -11.43
CA GLN B 195 -16.45 -22.40 -10.27
C GLN B 195 -17.62 -21.85 -9.39
N ARG B 196 -17.72 -20.52 -9.34
CA ARG B 196 -18.78 -19.82 -8.61
C ARG B 196 -20.10 -20.21 -9.17
N LEU B 197 -20.10 -20.35 -10.47
CA LEU B 197 -21.22 -20.87 -11.21
C LEU B 197 -21.54 -22.29 -10.78
N ARG B 198 -20.51 -23.16 -10.74
CA ARG B 198 -20.78 -24.52 -10.28
C ARG B 198 -21.48 -24.56 -8.95
N CYS B 199 -20.98 -23.78 -8.00
CA CYS B 199 -21.59 -23.81 -6.67
C CYS B 199 -22.99 -23.20 -6.66
N ALA B 200 -23.11 -22.00 -7.23
CA ALA B 200 -24.37 -21.29 -7.18
C ALA B 200 -25.41 -22.18 -7.85
N SER B 201 -24.98 -22.96 -8.82
CA SER B 201 -25.91 -23.85 -9.50
C SER B 201 -26.34 -25.06 -8.60
N ILE B 202 -25.38 -25.58 -7.86
CA ILE B 202 -25.74 -26.65 -6.94
C ILE B 202 -26.74 -26.12 -5.97
N GLN B 203 -26.36 -25.06 -5.27
CA GLN B 203 -27.23 -24.51 -4.23
C GLN B 203 -28.60 -23.92 -4.68
N LYS B 204 -28.74 -23.53 -5.96
CA LYS B 204 -29.96 -22.84 -6.42
C LYS B 204 -30.82 -23.69 -7.28
N PHE B 205 -30.32 -24.82 -7.73
CA PHE B 205 -31.10 -25.61 -8.66
C PHE B 205 -30.83 -27.08 -8.43
N GLY B 206 -29.96 -27.38 -7.48
CA GLY B 206 -29.61 -28.75 -7.19
C GLY B 206 -28.52 -29.38 -8.04
N GLU B 207 -27.83 -30.33 -7.40
CA GLU B 207 -26.89 -31.26 -7.99
C GLU B 207 -27.28 -31.81 -9.40
N ARG B 208 -28.57 -32.00 -9.63
CA ARG B 208 -29.08 -32.50 -10.91
C ARG B 208 -28.62 -31.62 -12.11
N ALA B 209 -28.54 -30.32 -11.90
CA ALA B 209 -28.25 -29.34 -12.95
C ALA B 209 -26.83 -29.41 -13.48
N LEU B 210 -25.93 -29.39 -12.49
CA LEU B 210 -24.52 -29.62 -12.70
C LEU B 210 -24.28 -30.99 -13.31
N LYS B 211 -25.01 -32.01 -12.82
CA LYS B 211 -24.90 -33.34 -13.45
C LYS B 211 -25.15 -33.27 -14.95
N ALA B 212 -26.28 -32.67 -15.31
CA ALA B 212 -26.64 -32.53 -16.72
C ALA B 212 -25.57 -31.79 -17.51
N TRP B 213 -25.10 -30.69 -16.94
CA TRP B 213 -24.17 -29.83 -17.62
C TRP B 213 -22.91 -30.62 -17.92
N SER B 214 -22.42 -31.30 -16.88
CA SER B 214 -21.23 -32.13 -17.01
C SER B 214 -21.44 -33.27 -18.02
N VAL B 215 -22.61 -33.92 -18.03
CA VAL B 215 -22.87 -34.96 -19.06
C VAL B 215 -22.72 -34.47 -20.51
N ALA B 216 -23.28 -33.29 -20.77
CA ALA B 216 -23.12 -32.67 -22.09
C ALA B 216 -21.64 -32.32 -22.33
N ARG B 217 -20.99 -31.62 -21.38
CA ARG B 217 -19.56 -31.26 -21.48
C ARG B 217 -18.64 -32.47 -21.74
N LEU B 218 -18.95 -33.56 -21.06
CA LEU B 218 -18.05 -34.69 -21.10
C LEU B 218 -18.25 -35.54 -22.35
N SER B 219 -19.50 -35.61 -22.87
CA SER B 219 -19.77 -36.46 -24.03
C SER B 219 -19.18 -35.80 -25.23
N GLN B 220 -19.15 -34.49 -25.18
CA GLN B 220 -18.46 -33.76 -26.19
C GLN B 220 -16.98 -34.08 -26.17
N LYS B 221 -16.36 -34.12 -25.00
CA LYS B 221 -14.94 -34.46 -24.95
C LYS B 221 -14.65 -35.90 -25.17
N PHE B 222 -15.50 -36.82 -24.73
CA PHE B 222 -15.09 -38.22 -24.90
C PHE B 222 -16.04 -39.04 -25.73
N PRO B 223 -16.30 -38.61 -26.98
CA PRO B 223 -17.45 -39.11 -27.76
C PRO B 223 -17.40 -40.62 -27.90
N LYS B 224 -16.19 -41.14 -27.71
CA LYS B 224 -15.85 -42.55 -27.83
C LYS B 224 -16.33 -43.30 -26.61
N ALA B 225 -16.45 -42.57 -25.51
CA ALA B 225 -16.86 -43.15 -24.23
C ALA B 225 -18.27 -43.74 -24.24
N GLU B 226 -18.40 -44.87 -23.56
CA GLU B 226 -19.72 -45.42 -23.41
C GLU B 226 -20.48 -44.46 -22.50
N PHE B 227 -21.79 -44.43 -22.66
CA PHE B 227 -22.66 -43.67 -21.76
C PHE B 227 -22.47 -44.05 -20.26
N VAL B 228 -22.23 -45.33 -19.95
CA VAL B 228 -22.00 -45.75 -18.58
C VAL B 228 -20.76 -45.12 -17.97
N GLU B 229 -19.66 -45.15 -18.71
CA GLU B 229 -18.42 -44.52 -18.28
C GLU B 229 -18.64 -43.02 -17.99
N VAL B 230 -19.36 -42.37 -18.91
CA VAL B 230 -19.62 -40.93 -18.85
C VAL B 230 -20.41 -40.62 -17.57
N THR B 231 -21.38 -41.48 -17.31
CA THR B 231 -22.15 -41.42 -16.09
C THR B 231 -21.26 -41.56 -14.87
N LYS B 232 -20.34 -42.50 -14.87
CA LYS B 232 -19.52 -42.67 -13.69
C LYS B 232 -18.66 -41.43 -13.44
N LEU B 233 -18.05 -40.97 -14.52
CA LEU B 233 -17.22 -39.79 -14.51
C LEU B 233 -17.98 -38.61 -13.94
N VAL B 234 -19.18 -38.39 -14.46
CA VAL B 234 -19.93 -37.24 -14.01
C VAL B 234 -20.21 -37.40 -12.57
N THR B 235 -20.58 -38.60 -12.14
CA THR B 235 -20.86 -38.82 -10.73
C THR B 235 -19.75 -38.41 -9.80
N ASP B 236 -18.55 -38.85 -10.13
CA ASP B 236 -17.43 -38.57 -9.23
C ASP B 236 -17.18 -37.08 -9.29
N LEU B 237 -17.24 -36.59 -10.50
CA LEU B 237 -16.88 -35.22 -10.75
C LEU B 237 -17.80 -34.28 -10.01
N THR B 238 -19.07 -34.62 -10.06
CA THR B 238 -20.11 -33.87 -9.35
C THR B 238 -19.87 -33.92 -7.87
N LYS B 239 -19.54 -35.10 -7.39
CA LYS B 239 -19.16 -35.17 -6.00
C LYS B 239 -17.94 -34.27 -5.68
N VAL B 240 -16.88 -34.28 -6.52
CA VAL B 240 -15.70 -33.45 -6.28
C VAL B 240 -16.19 -32.01 -6.04
N HIS B 241 -16.91 -31.50 -7.04
CA HIS B 241 -17.52 -30.14 -6.89
C HIS B 241 -18.46 -29.86 -5.73
N LYS B 242 -19.36 -30.78 -5.43
CA LYS B 242 -20.19 -30.64 -4.23
C LYS B 242 -19.34 -30.44 -2.97
N GLU B 243 -18.36 -31.30 -2.81
CA GLU B 243 -17.42 -31.15 -1.69
C GLU B 243 -16.57 -29.83 -1.69
N CYS B 244 -15.87 -29.50 -2.78
CA CYS B 244 -15.18 -28.18 -2.87
C CYS B 244 -16.12 -27.03 -2.58
N CYS B 245 -17.34 -27.13 -3.10
CA CYS B 245 -18.33 -26.04 -2.89
C CYS B 245 -18.88 -25.89 -1.49
N HIS B 246 -18.85 -26.95 -0.69
CA HIS B 246 -19.30 -26.79 0.68
C HIS B 246 -18.18 -26.58 1.64
N GLY B 247 -16.97 -26.31 1.12
CA GLY B 247 -15.79 -26.04 1.95
C GLY B 247 -15.03 -27.27 2.52
N ASP B 248 -15.42 -28.48 2.11
CA ASP B 248 -14.57 -29.56 2.50
C ASP B 248 -13.49 -29.62 1.44
N LEU B 249 -12.46 -28.81 1.66
CA LEU B 249 -11.45 -28.71 0.68
C LEU B 249 -10.55 -29.96 0.58
N LEU B 250 -10.33 -30.61 1.73
CA LEU B 250 -9.49 -31.77 1.71
C LEU B 250 -10.12 -32.92 0.95
N GLU B 251 -11.39 -33.09 1.08
CA GLU B 251 -12.01 -34.20 0.42
C GLU B 251 -12.15 -33.92 -1.06
N CYS B 252 -12.25 -32.63 -1.41
CA CYS B 252 -12.47 -32.26 -2.77
C CYS B 252 -11.17 -32.64 -3.48
N ALA B 253 -10.08 -32.16 -2.89
CA ALA B 253 -8.74 -32.38 -3.43
C ALA B 253 -8.46 -33.87 -3.57
N ASP B 254 -8.74 -34.59 -2.51
CA ASP B 254 -8.57 -36.02 -2.53
C ASP B 254 -9.42 -36.70 -3.58
N ASP B 255 -10.72 -36.40 -3.65
CA ASP B 255 -11.61 -37.17 -4.54
C ASP B 255 -11.30 -36.90 -6.01
N ARG B 256 -10.80 -35.71 -6.24
CA ARG B 256 -10.40 -35.27 -7.55
C ARG B 256 -9.13 -35.95 -7.99
N ALA B 257 -8.20 -36.07 -7.04
CA ALA B 257 -6.98 -36.78 -7.37
C ALA B 257 -7.34 -38.18 -7.75
N ASP B 258 -8.27 -38.78 -7.04
CA ASP B 258 -8.61 -40.18 -7.35
C ASP B 258 -9.28 -40.29 -8.72
N LEU B 259 -10.05 -39.29 -9.09
CA LEU B 259 -10.70 -39.26 -10.39
C LEU B 259 -9.64 -39.26 -11.49
N ALA B 260 -8.60 -38.46 -11.25
CA ALA B 260 -7.58 -38.28 -12.21
C ALA B 260 -6.80 -39.58 -12.34
N LYS B 261 -6.49 -40.22 -11.23
CA LYS B 261 -5.89 -41.52 -11.36
C LYS B 261 -6.82 -42.50 -12.11
N TYR B 262 -8.09 -42.59 -11.75
CA TYR B 262 -8.99 -43.50 -12.46
C TYR B 262 -9.01 -43.28 -14.02
N ILE B 263 -8.99 -42.01 -14.44
CA ILE B 263 -9.06 -41.63 -15.83
C ILE B 263 -7.77 -42.09 -16.47
N CYS B 264 -6.64 -41.67 -15.93
CA CYS B 264 -5.34 -42.12 -16.47
C CYS B 264 -5.24 -43.62 -16.56
N ASP B 265 -5.88 -44.28 -15.62
CA ASP B 265 -5.88 -45.72 -15.55
C ASP B 265 -6.86 -46.30 -16.53
N ASN B 266 -7.62 -45.47 -17.21
CA ASN B 266 -8.63 -46.01 -18.09
C ASN B 266 -8.76 -45.39 -19.45
N GLN B 267 -7.73 -44.70 -19.89
CA GLN B 267 -7.83 -44.00 -21.18
C GLN B 267 -8.54 -44.81 -22.29
N ASP B 268 -8.36 -46.13 -22.33
CA ASP B 268 -8.87 -46.89 -23.47
C ASP B 268 -10.41 -46.96 -23.66
N THR B 269 -11.20 -46.77 -22.60
CA THR B 269 -12.65 -46.73 -22.76
C THR B 269 -13.16 -45.28 -22.73
N ILE B 270 -12.20 -44.38 -22.63
CA ILE B 270 -12.48 -42.95 -22.47
C ILE B 270 -12.04 -42.05 -23.66
N SER B 271 -10.73 -41.89 -23.87
CA SER B 271 -10.23 -40.98 -24.92
C SER B 271 -8.76 -41.13 -25.25
N SER B 272 -8.41 -40.88 -26.50
CA SER B 272 -7.01 -40.99 -26.98
C SER B 272 -6.12 -39.74 -26.77
N LYS B 273 -6.70 -38.61 -26.41
CA LYS B 273 -5.93 -37.40 -26.15
C LYS B 273 -5.45 -37.25 -24.69
N LEU B 274 -5.58 -38.32 -23.91
CA LEU B 274 -5.23 -38.23 -22.51
C LEU B 274 -3.81 -38.61 -22.22
N LYS B 275 -3.18 -39.33 -23.16
CA LYS B 275 -1.85 -39.88 -22.91
C LYS B 275 -0.85 -38.81 -22.38
N GLU B 276 -0.76 -37.65 -23.00
CA GLU B 276 0.21 -36.65 -22.56
C GLU B 276 -0.03 -36.21 -21.11
N CYS B 277 -1.30 -36.09 -20.75
CA CYS B 277 -1.74 -35.68 -19.42
C CYS B 277 -1.34 -36.70 -18.32
N CYS B 278 -1.65 -37.96 -18.58
CA CYS B 278 -1.42 -38.95 -17.55
C CYS B 278 0.08 -39.26 -17.19
N ASP B 279 1.03 -38.62 -17.84
CA ASP B 279 2.44 -38.75 -17.46
C ASP B 279 2.82 -37.47 -16.75
N LYS B 280 1.82 -36.62 -16.51
CA LYS B 280 2.11 -35.49 -15.67
C LYS B 280 1.92 -35.87 -14.20
N PRO B 281 2.68 -35.18 -13.31
CA PRO B 281 2.65 -35.15 -11.82
C PRO B 281 1.28 -34.56 -11.35
N LEU B 282 0.83 -34.82 -10.10
CA LEU B 282 -0.63 -34.80 -9.78
C LEU B 282 -1.53 -33.56 -10.18
N LEU B 283 -1.16 -32.38 -9.69
CA LEU B 283 -1.88 -31.16 -10.01
C LEU B 283 -1.88 -30.87 -11.53
N GLU B 284 -0.75 -31.04 -12.16
CA GLU B 284 -0.77 -30.78 -13.57
C GLU B 284 -1.55 -31.85 -14.27
N LYS B 285 -1.55 -33.04 -13.70
CA LYS B 285 -2.23 -34.12 -14.40
C LYS B 285 -3.72 -33.80 -14.47
N SER B 286 -4.30 -33.40 -13.33
CA SER B 286 -5.73 -33.05 -13.28
C SER B 286 -6.08 -31.79 -14.04
N HIS B 287 -5.32 -30.74 -13.82
CA HIS B 287 -5.58 -29.53 -14.57
C HIS B 287 -5.56 -29.74 -16.07
N CYS B 288 -4.64 -30.60 -16.52
CA CYS B 288 -4.55 -30.87 -17.91
C CYS B 288 -5.68 -31.80 -18.39
N ILE B 289 -6.10 -32.78 -17.59
CA ILE B 289 -7.21 -33.59 -18.06
C ILE B 289 -8.44 -32.70 -18.19
N ALA B 290 -8.53 -31.72 -17.29
CA ALA B 290 -9.62 -30.77 -17.29
C ALA B 290 -9.68 -30.00 -18.62
N GLU B 291 -8.52 -29.58 -19.12
CA GLU B 291 -8.54 -28.80 -20.35
C GLU B 291 -8.32 -29.67 -21.60
N VAL B 292 -8.43 -31.02 -21.56
CA VAL B 292 -8.00 -31.80 -22.76
C VAL B 292 -8.79 -31.52 -24.06
N GLU B 293 -8.07 -31.55 -25.16
CA GLU B 293 -8.63 -31.49 -26.51
C GLU B 293 -9.68 -32.61 -26.68
N LYS B 294 -10.67 -32.36 -27.53
CA LYS B 294 -11.72 -33.31 -27.88
C LYS B 294 -11.14 -34.51 -28.62
N ASP B 295 -11.77 -35.67 -28.44
CA ASP B 295 -11.36 -36.91 -29.07
C ASP B 295 -12.09 -36.99 -30.43
N ALA B 296 -11.79 -38.01 -31.24
CA ALA B 296 -12.45 -38.16 -32.53
C ALA B 296 -13.87 -38.73 -32.40
N ILE B 297 -14.79 -38.21 -33.20
CA ILE B 297 -16.15 -38.73 -33.20
C ILE B 297 -16.29 -40.06 -33.95
N PRO B 298 -16.79 -41.11 -33.27
CA PRO B 298 -16.87 -42.44 -33.88
C PRO B 298 -17.52 -42.44 -35.26
N GLU B 299 -16.76 -42.98 -36.22
CA GLU B 299 -16.90 -42.80 -37.68
C GLU B 299 -18.31 -43.00 -38.27
N ASN B 300 -18.94 -44.12 -37.92
CA ASN B 300 -20.28 -44.37 -38.41
C ASN B 300 -21.29 -44.69 -37.30
N LEU B 301 -22.17 -43.71 -37.12
CA LEU B 301 -23.12 -43.71 -36.04
C LEU B 301 -24.51 -43.75 -36.62
N PRO B 302 -25.39 -44.51 -35.95
CA PRO B 302 -26.82 -44.50 -36.26
C PRO B 302 -27.35 -43.07 -36.14
N PRO B 303 -28.33 -42.67 -36.95
CA PRO B 303 -28.79 -41.29 -36.84
C PRO B 303 -29.67 -41.08 -35.60
N LEU B 304 -29.77 -39.85 -35.15
CA LEU B 304 -30.46 -39.52 -33.91
C LEU B 304 -31.95 -39.90 -33.93
N THR B 305 -32.52 -39.97 -35.13
CA THR B 305 -33.96 -40.25 -35.32
C THR B 305 -34.31 -41.66 -34.89
N ALA B 306 -33.34 -42.57 -35.11
CA ALA B 306 -33.50 -44.01 -34.91
C ALA B 306 -34.00 -44.39 -33.53
N ASP B 307 -33.24 -44.02 -32.51
CA ASP B 307 -33.56 -44.50 -31.17
C ASP B 307 -34.42 -43.53 -30.37
N PHE B 308 -34.52 -42.29 -30.85
CA PHE B 308 -35.29 -41.25 -30.14
C PHE B 308 -36.59 -40.78 -30.81
N ALA B 309 -36.80 -41.10 -32.08
CA ALA B 309 -38.04 -40.69 -32.73
C ALA B 309 -38.96 -41.84 -33.15
N GLU B 310 -38.36 -42.85 -33.79
CA GLU B 310 -39.11 -43.91 -34.48
C GLU B 310 -39.46 -45.14 -33.65
N ASP B 311 -38.61 -45.46 -32.69
CA ASP B 311 -38.79 -46.70 -31.98
C ASP B 311 -40.13 -46.71 -31.27
N LYS B 312 -40.68 -47.92 -31.13
CA LYS B 312 -41.98 -48.12 -30.55
C LYS B 312 -41.81 -48.11 -29.04
N ASP B 313 -40.54 -48.07 -28.62
CA ASP B 313 -40.19 -48.22 -27.23
C ASP B 313 -39.93 -46.87 -26.55
N VAL B 314 -40.00 -45.81 -27.33
CA VAL B 314 -39.67 -44.46 -26.86
C VAL B 314 -40.34 -44.14 -25.52
N CYS B 315 -41.67 -44.14 -25.52
CA CYS B 315 -42.43 -43.73 -24.35
C CYS B 315 -42.28 -44.65 -23.17
N LYS B 316 -42.17 -45.96 -23.42
CA LYS B 316 -42.05 -46.91 -22.33
C LYS B 316 -40.69 -46.82 -21.66
N ASN B 317 -39.63 -46.74 -22.47
CA ASN B 317 -38.28 -46.60 -21.92
C ASN B 317 -38.27 -45.31 -21.12
N TYR B 318 -38.88 -44.29 -21.71
CA TYR B 318 -38.98 -42.98 -21.08
C TYR B 318 -39.69 -43.10 -19.72
N GLN B 319 -40.91 -43.63 -19.68
CA GLN B 319 -41.69 -43.62 -18.43
C GLN B 319 -41.10 -44.39 -17.22
N GLU B 320 -40.39 -45.50 -17.45
CA GLU B 320 -39.73 -46.27 -16.36
C GLU B 320 -38.38 -45.69 -15.83
N ALA B 321 -37.57 -45.14 -16.73
CA ALA B 321 -36.30 -44.53 -16.30
C ALA B 321 -36.17 -43.20 -17.01
N LYS B 322 -36.95 -42.21 -16.58
CA LYS B 322 -37.06 -40.96 -17.34
C LYS B 322 -35.72 -40.26 -17.46
N ASP B 323 -34.94 -40.33 -16.40
CA ASP B 323 -33.72 -39.54 -16.31
C ASP B 323 -32.47 -40.17 -16.96
N ALA B 324 -32.32 -41.49 -16.86
CA ALA B 324 -31.21 -42.17 -17.53
C ALA B 324 -31.43 -42.21 -19.09
N PHE B 325 -32.71 -42.10 -19.48
CA PHE B 325 -33.17 -42.01 -20.89
C PHE B 325 -33.00 -40.59 -21.43
N LEU B 326 -33.23 -39.60 -20.59
CA LEU B 326 -32.99 -38.26 -21.01
C LEU B 326 -31.49 -38.06 -21.05
N GLY B 327 -30.78 -38.64 -20.09
CA GLY B 327 -29.33 -38.52 -20.05
C GLY B 327 -28.78 -39.18 -21.28
N SER B 328 -29.36 -40.34 -21.60
CA SER B 328 -28.97 -41.02 -22.79
C SER B 328 -29.16 -40.07 -23.96
N PHE B 329 -30.32 -39.42 -23.97
CA PHE B 329 -30.60 -38.54 -25.06
C PHE B 329 -29.54 -37.47 -25.21
N LEU B 330 -29.32 -36.81 -24.10
CA LEU B 330 -28.41 -35.70 -24.02
C LEU B 330 -27.03 -36.12 -24.49
N TYR B 331 -26.60 -37.28 -24.02
CA TYR B 331 -25.28 -37.87 -24.36
C TYR B 331 -25.13 -38.14 -25.86
N GLU B 332 -26.17 -38.76 -26.41
CA GLU B 332 -26.18 -39.08 -27.82
C GLU B 332 -26.19 -37.83 -28.69
N TYR B 333 -26.96 -36.80 -28.34
CA TYR B 333 -26.88 -35.57 -29.12
C TYR B 333 -25.48 -35.00 -28.93
N SER B 334 -25.01 -35.00 -27.69
CA SER B 334 -23.84 -34.21 -27.32
C SER B 334 -22.55 -34.70 -27.91
N ARG B 335 -22.34 -36.01 -28.03
CA ARG B 335 -21.06 -36.47 -28.63
C ARG B 335 -20.92 -36.23 -30.10
N ARG B 336 -22.08 -36.09 -30.74
CA ARG B 336 -22.22 -35.92 -32.18
C ARG B 336 -22.07 -34.46 -32.52
N HIS B 337 -22.18 -33.62 -31.50
CA HIS B 337 -22.12 -32.21 -31.74
C HIS B 337 -21.25 -31.43 -30.78
N PRO B 338 -19.94 -31.61 -30.88
CA PRO B 338 -18.95 -30.82 -30.13
C PRO B 338 -18.89 -29.36 -30.54
N GLU B 339 -19.65 -28.96 -31.54
CA GLU B 339 -19.63 -27.57 -32.01
C GLU B 339 -20.78 -26.74 -31.45
N TYR B 340 -21.72 -27.42 -30.80
CA TYR B 340 -22.85 -26.78 -30.14
C TYR B 340 -22.43 -26.32 -28.73
N ALA B 341 -22.91 -25.16 -28.30
CA ALA B 341 -22.69 -24.73 -26.91
C ALA B 341 -23.42 -25.66 -25.95
N VAL B 342 -22.81 -25.94 -24.80
CA VAL B 342 -23.45 -26.83 -23.85
C VAL B 342 -24.89 -26.37 -23.50
N SER B 343 -25.06 -25.05 -23.29
CA SER B 343 -26.39 -24.50 -23.07
C SER B 343 -27.35 -24.93 -24.18
N VAL B 344 -26.95 -24.83 -25.44
CA VAL B 344 -27.85 -25.22 -26.51
C VAL B 344 -28.23 -26.72 -26.43
N LEU B 345 -27.26 -27.56 -26.08
CA LEU B 345 -27.54 -28.98 -26.00
C LEU B 345 -28.58 -29.25 -24.94
N LEU B 346 -28.38 -28.63 -23.78
CA LEU B 346 -29.31 -28.73 -22.68
C LEU B 346 -30.71 -28.22 -22.99
N ARG B 347 -30.75 -27.12 -23.75
CA ARG B 347 -32.03 -26.59 -24.20
C ARG B 347 -32.73 -27.62 -25.06
N LEU B 348 -31.97 -28.23 -25.98
CA LEU B 348 -32.50 -29.31 -26.81
C LEU B 348 -33.10 -30.40 -25.93
N ALA B 349 -32.35 -30.76 -24.90
CA ALA B 349 -32.79 -31.81 -23.97
C ALA B 349 -34.13 -31.44 -23.31
N LYS B 350 -34.23 -30.22 -22.81
CA LYS B 350 -35.42 -29.77 -22.09
C LYS B 350 -36.64 -29.76 -23.01
N GLU B 351 -36.44 -29.30 -24.25
CA GLU B 351 -37.55 -29.30 -25.21
C GLU B 351 -38.04 -30.71 -25.56
N TYR B 352 -37.09 -31.62 -25.80
CA TYR B 352 -37.41 -33.03 -26.01
C TYR B 352 -38.21 -33.61 -24.81
N GLU B 353 -37.79 -33.26 -23.59
CA GLU B 353 -38.51 -33.65 -22.38
C GLU B 353 -39.95 -33.14 -22.46
N ALA B 354 -40.11 -31.90 -22.88
CA ALA B 354 -41.45 -31.33 -23.07
C ALA B 354 -42.28 -32.11 -24.14
N THR B 355 -41.71 -32.37 -25.32
CA THR B 355 -42.39 -33.18 -26.34
C THR B 355 -42.85 -34.52 -25.75
N LEU B 356 -41.93 -35.26 -25.12
CA LEU B 356 -42.22 -36.58 -24.55
C LEU B 356 -43.27 -36.57 -23.41
N GLU B 357 -43.21 -35.59 -22.51
CA GLU B 357 -44.24 -35.41 -21.47
C GLU B 357 -45.61 -35.08 -22.08
N GLU B 358 -45.60 -34.25 -23.12
CA GLU B 358 -46.78 -33.88 -23.87
C GLU B 358 -47.34 -35.05 -24.69
N CYS B 359 -46.49 -35.67 -25.51
CA CYS B 359 -46.93 -36.79 -26.36
C CYS B 359 -47.20 -38.13 -25.67
N CYS B 360 -46.38 -38.50 -24.69
CA CYS B 360 -46.49 -39.84 -24.08
C CYS B 360 -47.80 -39.96 -23.32
N ALA B 361 -48.37 -38.81 -22.97
CA ALA B 361 -49.67 -38.74 -22.31
C ALA B 361 -50.81 -38.95 -23.33
N LYS B 362 -50.60 -38.51 -24.57
CA LYS B 362 -51.60 -38.72 -25.63
C LYS B 362 -51.65 -40.21 -25.98
N ASP B 363 -52.81 -40.69 -26.43
CA ASP B 363 -53.06 -42.12 -26.68
C ASP B 363 -52.11 -42.76 -27.72
N ASP B 364 -51.79 -42.04 -28.80
CA ASP B 364 -50.79 -42.49 -29.80
C ASP B 364 -49.67 -41.45 -29.88
N PRO B 365 -48.61 -41.64 -29.07
CA PRO B 365 -47.46 -40.73 -29.00
C PRO B 365 -46.68 -40.66 -30.29
N HIS B 366 -46.51 -41.79 -30.96
CA HIS B 366 -45.59 -41.88 -32.07
C HIS B 366 -45.85 -40.93 -33.24
N ALA B 367 -47.12 -40.68 -33.58
CA ALA B 367 -47.45 -39.73 -34.66
C ALA B 367 -46.91 -38.35 -34.28
N CYS B 368 -46.93 -38.08 -32.97
CA CYS B 368 -46.45 -36.82 -32.39
C CYS B 368 -44.92 -36.64 -32.33
N TYR B 369 -44.21 -37.63 -31.79
CA TYR B 369 -42.77 -37.44 -31.59
C TYR B 369 -41.88 -37.77 -32.79
N SER B 370 -42.43 -38.37 -33.83
CA SER B 370 -41.61 -38.73 -35.01
C SER B 370 -40.96 -37.50 -35.62
N THR B 371 -41.65 -36.37 -35.46
CA THR B 371 -41.30 -35.08 -36.03
C THR B 371 -40.68 -34.14 -34.99
N VAL B 372 -40.16 -34.69 -33.90
CA VAL B 372 -39.68 -33.83 -32.84
C VAL B 372 -38.43 -33.06 -33.31
N PHE B 373 -37.64 -33.72 -34.17
CA PHE B 373 -36.36 -33.17 -34.64
C PHE B 373 -36.50 -31.82 -35.36
N ASP B 374 -37.57 -31.70 -36.14
CA ASP B 374 -37.88 -30.46 -36.83
C ASP B 374 -38.23 -29.33 -35.83
N LYS B 375 -38.95 -29.67 -34.78
CA LYS B 375 -39.24 -28.73 -33.70
C LYS B 375 -37.98 -28.36 -32.93
N LEU B 376 -36.99 -29.26 -32.96
CA LEU B 376 -35.69 -29.07 -32.28
C LEU B 376 -34.70 -28.18 -33.04
N LYS B 377 -34.85 -28.08 -34.35
CA LYS B 377 -33.88 -27.30 -35.16
C LYS B 377 -33.86 -25.78 -34.86
N HIS B 378 -35.04 -25.24 -34.56
CA HIS B 378 -35.18 -23.82 -34.25
C HIS B 378 -34.39 -23.40 -33.02
N LEU B 379 -34.22 -24.35 -32.11
CA LEU B 379 -33.53 -24.08 -30.87
C LEU B 379 -32.06 -23.80 -31.11
N VAL B 380 -31.52 -24.35 -32.20
CA VAL B 380 -30.15 -24.07 -32.55
C VAL B 380 -30.14 -22.80 -33.39
N ASP B 381 -31.21 -22.57 -34.16
CA ASP B 381 -31.25 -21.35 -35.00
C ASP B 381 -31.26 -20.03 -34.21
N GLU B 382 -32.08 -19.96 -33.15
CA GLU B 382 -32.28 -18.72 -32.39
C GLU B 382 -31.02 -17.93 -31.92
N PRO B 383 -30.06 -18.59 -31.21
CA PRO B 383 -28.98 -17.82 -30.61
C PRO B 383 -27.83 -17.49 -31.58
N GLN B 384 -27.72 -18.25 -32.67
CA GLN B 384 -26.73 -18.01 -33.72
C GLN B 384 -26.83 -16.58 -34.32
N ASN B 385 -28.06 -16.05 -34.39
CA ASN B 385 -28.38 -14.69 -34.86
C ASN B 385 -27.90 -13.58 -33.90
N LEU B 386 -28.07 -13.84 -32.60
CA LEU B 386 -27.60 -12.93 -31.54
C LEU B 386 -26.08 -12.71 -31.55
N ILE B 387 -25.36 -13.82 -31.71
CA ILE B 387 -23.91 -13.82 -31.73
C ILE B 387 -23.49 -13.04 -32.97
N LYS B 388 -24.24 -13.24 -34.04
CA LYS B 388 -23.97 -12.57 -35.32
C LYS B 388 -23.99 -11.04 -35.12
N GLN B 389 -25.11 -10.54 -34.60
CA GLN B 389 -25.36 -9.11 -34.43
C GLN B 389 -24.30 -8.38 -33.57
N ASN B 390 -24.07 -8.94 -32.39
CA ASN B 390 -23.16 -8.38 -31.42
C ASN B 390 -21.69 -8.39 -31.84
N CYS B 391 -21.31 -9.40 -32.60
CA CYS B 391 -19.94 -9.41 -33.07
C CYS B 391 -19.70 -8.28 -34.07
N ASP B 392 -20.65 -8.09 -34.99
CA ASP B 392 -20.59 -6.94 -35.88
C ASP B 392 -20.48 -5.64 -35.05
N GLN B 393 -21.39 -5.46 -34.08
CA GLN B 393 -21.36 -4.26 -33.29
C GLN B 393 -20.01 -4.10 -32.58
N PHE B 394 -19.41 -5.22 -32.18
CA PHE B 394 -18.13 -5.21 -31.49
C PHE B 394 -16.94 -4.72 -32.37
N GLU B 395 -16.93 -5.22 -33.60
CA GLU B 395 -15.89 -4.90 -34.58
C GLU B 395 -15.88 -3.37 -34.79
N LYS B 396 -17.06 -2.76 -35.04
CA LYS B 396 -17.11 -1.30 -35.16
C LYS B 396 -16.55 -0.60 -33.92
N LEU B 397 -17.17 -0.86 -32.77
CA LEU B 397 -16.99 0.01 -31.64
C LEU B 397 -15.65 -0.23 -30.93
N GLY B 398 -15.09 -1.41 -31.14
CA GLY B 398 -13.93 -1.85 -30.36
C GLY B 398 -14.33 -2.20 -28.92
N GLU B 399 -13.44 -2.89 -28.21
CA GLU B 399 -13.72 -3.39 -26.87
C GLU B 399 -14.36 -2.31 -26.01
N TYR B 400 -13.62 -1.23 -25.77
CA TYR B 400 -14.05 -0.19 -24.83
C TYR B 400 -15.36 0.55 -25.24
N GLY B 401 -15.54 0.79 -26.53
CA GLY B 401 -16.80 1.31 -27.00
C GLY B 401 -17.90 0.29 -26.76
N PHE B 402 -17.57 -0.98 -27.00
CA PHE B 402 -18.57 -2.06 -26.85
C PHE B 402 -19.10 -2.09 -25.42
N GLN B 403 -18.19 -1.93 -24.46
CA GLN B 403 -18.58 -1.87 -23.05
C GLN B 403 -19.54 -0.71 -22.72
N ASN B 404 -19.16 0.50 -23.13
CA ASN B 404 -20.00 1.70 -23.00
C ASN B 404 -21.35 1.51 -23.67
N ALA B 405 -21.35 0.89 -24.83
CA ALA B 405 -22.61 0.52 -25.48
C ALA B 405 -23.43 -0.39 -24.55
N LEU B 406 -22.76 -1.38 -23.97
CA LEU B 406 -23.42 -2.36 -23.16
C LEU B 406 -24.00 -1.70 -21.89
N ILE B 407 -23.25 -0.78 -21.32
CA ILE B 407 -23.70 -0.03 -20.15
C ILE B 407 -25.01 0.63 -20.44
N VAL B 408 -25.07 1.28 -21.59
CA VAL B 408 -26.32 1.89 -21.99
C VAL B 408 -27.35 0.80 -22.05
N ARG B 409 -27.01 -0.21 -22.84
CA ARG B 409 -27.98 -1.25 -23.13
C ARG B 409 -28.58 -1.74 -21.80
N TYR B 410 -27.68 -2.17 -20.91
CA TYR B 410 -28.07 -2.82 -19.69
C TYR B 410 -28.72 -1.89 -18.70
N THR B 411 -28.22 -0.66 -18.63
CA THR B 411 -28.80 0.30 -17.69
C THR B 411 -30.23 0.66 -18.07
N ARG B 412 -30.50 0.62 -19.37
CA ARG B 412 -31.85 0.85 -19.86
C ARG B 412 -32.73 -0.32 -19.46
N LYS B 413 -32.23 -1.51 -19.75
CA LYS B 413 -32.88 -2.78 -19.42
C LYS B 413 -33.33 -2.86 -17.96
N VAL B 414 -32.42 -2.57 -17.03
CA VAL B 414 -32.61 -2.87 -15.62
C VAL B 414 -31.97 -1.88 -14.68
N PRO B 415 -32.45 -0.63 -14.70
CA PRO B 415 -31.71 0.47 -14.05
C PRO B 415 -31.71 0.46 -12.50
N GLN B 416 -32.48 -0.40 -11.85
CA GLN B 416 -32.45 -0.42 -10.40
C GLN B 416 -31.22 -1.17 -9.88
N VAL B 417 -30.49 -1.90 -10.76
CA VAL B 417 -29.25 -2.58 -10.33
C VAL B 417 -28.26 -1.54 -9.90
N SER B 418 -27.47 -1.86 -8.87
CA SER B 418 -26.40 -0.98 -8.40
C SER B 418 -25.30 -0.75 -9.49
N THR B 419 -24.83 0.49 -9.48
CA THR B 419 -23.84 1.01 -10.43
C THR B 419 -22.56 0.20 -10.44
N PRO B 420 -22.01 -0.15 -9.25
CA PRO B 420 -20.76 -0.94 -9.32
C PRO B 420 -20.97 -2.30 -10.03
N THR B 421 -22.05 -2.99 -9.73
CA THR B 421 -22.38 -4.18 -10.46
C THR B 421 -22.62 -3.98 -11.98
N LEU B 422 -23.52 -3.04 -12.33
CA LEU B 422 -23.81 -2.66 -13.73
C LEU B 422 -22.49 -2.45 -14.48
N VAL B 423 -21.58 -1.69 -13.87
CA VAL B 423 -20.29 -1.45 -14.48
C VAL B 423 -19.57 -2.78 -14.71
N GLU B 424 -19.32 -3.53 -13.63
CA GLU B 424 -18.48 -4.75 -13.67
C GLU B 424 -18.95 -5.80 -14.68
N VAL B 425 -20.25 -5.90 -14.80
CA VAL B 425 -20.89 -6.81 -15.75
C VAL B 425 -20.84 -6.37 -17.18
N SER B 426 -21.05 -5.07 -17.41
CA SER B 426 -20.96 -4.50 -18.75
C SER B 426 -19.53 -4.53 -19.28
N ARG B 427 -18.58 -4.20 -18.43
CA ARG B 427 -17.20 -4.42 -18.84
C ARG B 427 -17.01 -5.90 -19.16
N SER B 428 -17.26 -6.81 -18.18
CA SER B 428 -17.05 -8.25 -18.42
C SER B 428 -17.69 -8.76 -19.69
N LEU B 429 -18.94 -8.43 -19.89
CA LEU B 429 -19.61 -8.73 -21.13
C LEU B 429 -18.87 -8.14 -22.29
N GLY B 430 -18.26 -6.99 -22.10
CA GLY B 430 -17.54 -6.45 -23.22
C GLY B 430 -16.35 -7.36 -23.57
N LYS B 431 -15.73 -7.98 -22.56
CA LYS B 431 -14.57 -8.78 -22.90
C LYS B 431 -14.89 -9.97 -23.83
N VAL B 432 -16.16 -10.37 -23.88
CA VAL B 432 -16.56 -11.48 -24.69
C VAL B 432 -16.23 -11.25 -26.15
N GLY B 433 -16.41 -10.02 -26.61
CA GLY B 433 -16.03 -9.66 -27.97
C GLY B 433 -14.59 -10.03 -28.24
N THR B 434 -13.71 -9.60 -27.34
CA THR B 434 -12.32 -9.96 -27.58
C THR B 434 -12.08 -11.45 -27.50
N ARG B 435 -12.77 -12.11 -26.59
CA ARG B 435 -12.51 -13.53 -26.43
C ARG B 435 -13.12 -14.31 -27.57
N CYS B 436 -14.18 -13.80 -28.17
CA CYS B 436 -15.02 -14.67 -28.97
C CYS B 436 -15.26 -14.26 -30.42
N CYS B 437 -15.42 -12.97 -30.70
CA CYS B 437 -15.85 -12.63 -32.03
C CYS B 437 -14.84 -13.09 -33.10
N THR B 438 -13.55 -12.86 -32.88
CA THR B 438 -12.48 -13.24 -33.82
C THR B 438 -12.45 -14.71 -34.20
N LYS B 439 -13.05 -15.54 -33.36
CA LYS B 439 -13.02 -16.98 -33.54
C LYS B 439 -13.76 -17.55 -34.77
N PRO B 440 -13.17 -18.61 -35.36
CA PRO B 440 -13.83 -19.34 -36.45
C PRO B 440 -15.12 -19.97 -35.95
N GLU B 441 -16.10 -20.14 -36.85
CA GLU B 441 -17.43 -20.52 -36.45
C GLU B 441 -17.54 -21.77 -35.60
N SER B 442 -16.75 -22.79 -35.92
CA SER B 442 -16.82 -24.05 -35.19
C SER B 442 -16.74 -23.86 -33.68
N GLU B 443 -15.97 -22.86 -33.25
CA GLU B 443 -15.78 -22.60 -31.83
C GLU B 443 -16.67 -21.48 -31.27
N ARG B 444 -17.17 -20.61 -32.15
CA ARG B 444 -17.69 -19.31 -31.75
C ARG B 444 -18.91 -19.31 -30.83
N MET B 445 -19.91 -20.10 -31.17
CA MET B 445 -21.07 -20.21 -30.32
C MET B 445 -20.76 -20.78 -28.92
N PRO B 446 -20.03 -21.89 -28.83
CA PRO B 446 -19.69 -22.35 -27.47
C PRO B 446 -18.94 -21.29 -26.62
N CYS B 447 -18.14 -20.46 -27.28
CA CYS B 447 -17.31 -19.50 -26.59
C CYS B 447 -18.11 -18.42 -25.91
N THR B 448 -19.04 -17.86 -26.68
CA THR B 448 -19.88 -16.78 -26.21
C THR B 448 -20.82 -17.33 -25.12
N GLU B 449 -21.51 -18.43 -25.41
CA GLU B 449 -22.47 -18.95 -24.49
C GLU B 449 -21.81 -19.28 -23.14
N ASP B 450 -20.62 -19.89 -23.17
CA ASP B 450 -20.02 -20.19 -21.87
C ASP B 450 -19.77 -18.87 -21.16
N TYR B 451 -19.03 -17.97 -21.80
CA TYR B 451 -18.59 -16.83 -21.05
C TYR B 451 -19.76 -16.00 -20.54
N LEU B 452 -20.86 -15.97 -21.29
CA LEU B 452 -22.00 -15.18 -20.84
C LEU B 452 -22.60 -15.79 -19.57
N SER B 453 -22.63 -17.12 -19.49
CA SER B 453 -23.10 -17.77 -18.30
C SER B 453 -22.29 -17.30 -17.12
N LEU B 454 -20.97 -17.26 -17.33
CA LEU B 454 -20.11 -16.88 -16.23
C LEU B 454 -20.46 -15.49 -15.70
N ILE B 455 -20.65 -14.58 -16.66
CA ILE B 455 -20.84 -13.17 -16.39
C ILE B 455 -22.23 -12.96 -15.83
N LEU B 456 -23.20 -13.72 -16.32
CA LEU B 456 -24.56 -13.53 -15.84
C LEU B 456 -24.76 -14.13 -14.47
N ASN B 457 -24.01 -15.20 -14.18
CA ASN B 457 -24.11 -15.79 -12.85
C ASN B 457 -23.47 -14.89 -11.88
N ARG B 458 -22.41 -14.23 -12.36
CA ARG B 458 -21.68 -13.28 -11.51
C ARG B 458 -22.63 -12.16 -11.07
N LEU B 459 -23.46 -11.68 -12.01
CA LEU B 459 -24.53 -10.74 -11.72
C LEU B 459 -25.60 -11.27 -10.78
N CYS B 460 -26.06 -12.49 -11.03
CA CYS B 460 -27.07 -13.09 -10.17
C CYS B 460 -26.61 -13.11 -8.72
N VAL B 461 -25.38 -13.55 -8.43
CA VAL B 461 -25.04 -13.68 -7.01
C VAL B 461 -24.81 -12.36 -6.34
N LEU B 462 -24.31 -11.39 -7.07
CA LEU B 462 -24.10 -10.08 -6.50
C LEU B 462 -25.48 -9.53 -6.26
N HIS B 463 -26.42 -9.87 -7.17
CA HIS B 463 -27.80 -9.38 -7.03
C HIS B 463 -28.62 -10.17 -5.98
N GLU B 464 -28.52 -11.51 -5.91
CA GLU B 464 -29.28 -12.21 -4.86
C GLU B 464 -29.06 -11.62 -3.44
N LYS B 465 -27.84 -11.20 -3.12
CA LYS B 465 -27.54 -10.87 -1.74
C LYS B 465 -28.43 -9.71 -1.26
N THR B 466 -28.50 -8.63 -2.03
CA THR B 466 -29.45 -7.56 -1.72
C THR B 466 -30.16 -7.22 -2.99
N PRO B 467 -31.35 -7.82 -3.15
CA PRO B 467 -32.10 -7.83 -4.41
C PRO B 467 -32.86 -6.50 -4.57
N VAL B 468 -32.81 -5.93 -5.76
CA VAL B 468 -33.42 -4.63 -6.01
C VAL B 468 -34.21 -4.53 -7.32
N SER B 469 -33.98 -5.45 -8.25
CA SER B 469 -34.73 -5.49 -9.50
C SER B 469 -35.36 -6.84 -9.70
N GLU B 470 -36.67 -6.89 -9.58
CA GLU B 470 -37.43 -8.15 -9.71
C GLU B 470 -37.26 -8.83 -11.11
N LYS B 471 -36.87 -8.05 -12.13
CA LYS B 471 -36.56 -8.63 -13.44
C LYS B 471 -35.22 -9.48 -13.45
N VAL B 472 -34.17 -8.93 -12.85
CA VAL B 472 -32.90 -9.62 -12.63
C VAL B 472 -33.20 -10.91 -11.82
N THR B 473 -34.04 -10.77 -10.81
CA THR B 473 -34.48 -11.86 -9.96
C THR B 473 -35.17 -12.96 -10.73
N LYS B 474 -36.09 -12.55 -11.59
CA LYS B 474 -36.86 -13.47 -12.39
C LYS B 474 -35.87 -14.22 -13.26
N CYS B 475 -35.02 -13.47 -13.94
CA CYS B 475 -34.13 -14.12 -14.91
C CYS B 475 -33.09 -15.01 -14.23
N CYS B 476 -32.57 -14.53 -13.11
CA CYS B 476 -31.55 -15.25 -12.35
C CYS B 476 -32.06 -16.56 -11.77
N THR B 477 -33.29 -16.54 -11.26
CA THR B 477 -33.79 -17.69 -10.52
C THR B 477 -34.71 -18.65 -11.28
N GLU B 478 -35.20 -18.25 -12.46
CA GLU B 478 -36.20 -19.12 -13.08
C GLU B 478 -35.56 -20.37 -13.66
N SER B 479 -34.78 -20.22 -14.72
CA SER B 479 -34.06 -21.35 -15.27
C SER B 479 -32.60 -20.94 -15.44
N LEU B 480 -31.74 -21.86 -15.04
CA LEU B 480 -30.31 -21.68 -15.10
C LEU B 480 -29.82 -21.59 -16.57
N VAL B 481 -30.45 -22.31 -17.49
CA VAL B 481 -29.91 -22.37 -18.85
C VAL B 481 -30.46 -21.24 -19.70
N ASN B 482 -31.60 -20.69 -19.26
CA ASN B 482 -32.28 -19.63 -19.99
C ASN B 482 -31.91 -18.28 -19.46
N ARG B 483 -30.87 -18.22 -18.66
CA ARG B 483 -30.41 -16.93 -18.19
C ARG B 483 -30.03 -16.03 -19.37
N ARG B 484 -29.22 -16.47 -20.31
CA ARG B 484 -28.90 -15.58 -21.46
C ARG B 484 -30.11 -15.13 -22.33
N PRO B 485 -30.95 -16.08 -22.79
CA PRO B 485 -32.13 -15.66 -23.53
C PRO B 485 -33.01 -14.70 -22.75
N CYS B 486 -33.33 -15.12 -21.52
CA CYS B 486 -34.15 -14.29 -20.65
C CYS B 486 -33.57 -12.89 -20.47
N PHE B 487 -32.28 -12.77 -20.18
CA PHE B 487 -31.76 -11.42 -20.08
C PHE B 487 -31.89 -10.71 -21.42
N SER B 488 -31.62 -11.39 -22.53
CA SER B 488 -31.71 -10.74 -23.86
C SER B 488 -33.09 -10.16 -24.15
N ALA B 489 -34.13 -10.90 -23.76
CA ALA B 489 -35.51 -10.58 -24.06
C ALA B 489 -36.02 -9.31 -23.36
N LEU B 490 -35.23 -8.82 -22.41
CA LEU B 490 -35.57 -7.60 -21.66
C LEU B 490 -35.44 -6.33 -22.50
N THR B 491 -36.47 -5.50 -22.41
CA THR B 491 -36.42 -4.16 -22.99
C THR B 491 -36.48 -3.10 -21.85
N PRO B 492 -36.15 -1.83 -22.16
CA PRO B 492 -36.20 -0.79 -21.11
C PRO B 492 -37.58 -0.66 -20.47
N ASP B 493 -37.65 0.02 -19.33
CA ASP B 493 -38.87 0.16 -18.51
C ASP B 493 -39.27 1.63 -18.19
N GLU B 494 -40.52 2.03 -18.49
CA GLU B 494 -41.01 3.39 -18.14
C GLU B 494 -41.75 3.49 -16.82
N THR B 495 -41.92 2.33 -16.17
CA THR B 495 -42.26 2.25 -14.75
C THR B 495 -41.22 3.07 -13.94
N TYR B 496 -39.95 2.88 -14.31
CA TYR B 496 -38.79 3.52 -13.67
C TYR B 496 -38.82 5.04 -13.62
N VAL B 497 -38.90 5.53 -12.40
CA VAL B 497 -38.86 6.94 -12.20
C VAL B 497 -37.40 7.39 -12.24
N PRO B 498 -37.07 8.33 -13.15
CA PRO B 498 -35.75 8.97 -13.15
C PRO B 498 -35.27 9.28 -11.72
N LYS B 499 -33.97 9.27 -11.56
CA LYS B 499 -33.40 9.34 -10.23
C LYS B 499 -33.13 10.80 -10.04
N ALA B 500 -33.30 11.33 -8.83
CA ALA B 500 -33.09 12.76 -8.58
C ALA B 500 -31.63 13.10 -8.80
N PHE B 501 -31.30 14.34 -9.08
CA PHE B 501 -29.91 14.70 -9.29
C PHE B 501 -29.12 14.81 -7.97
N ASP B 502 -28.04 14.01 -7.92
CA ASP B 502 -27.09 13.91 -6.84
C ASP B 502 -25.73 14.45 -7.31
N GLU B 503 -25.36 15.63 -6.80
CA GLU B 503 -24.14 16.36 -7.20
C GLU B 503 -22.85 15.57 -6.91
N LYS B 504 -22.85 14.84 -5.79
CA LYS B 504 -21.68 14.07 -5.35
C LYS B 504 -21.30 13.04 -6.44
N LEU B 505 -22.32 12.57 -7.15
CA LEU B 505 -22.14 11.64 -8.26
C LEU B 505 -21.40 12.24 -9.44
N PHE B 506 -21.45 13.58 -9.60
CA PHE B 506 -20.76 14.27 -10.72
C PHE B 506 -19.73 15.31 -10.31
N THR B 507 -19.04 15.09 -9.22
CA THR B 507 -17.89 15.94 -8.97
C THR B 507 -16.56 15.16 -9.11
N PHE B 508 -15.60 15.82 -9.75
CA PHE B 508 -14.36 15.21 -10.11
C PHE B 508 -13.20 16.05 -9.56
N HIS B 509 -12.12 15.33 -9.16
CA HIS B 509 -10.92 15.90 -8.47
C HIS B 509 -9.58 15.56 -9.16
N ALA B 510 -8.49 16.15 -8.68
CA ALA B 510 -7.18 15.93 -9.26
C ALA B 510 -6.78 14.46 -9.19
N ASP B 511 -7.44 13.71 -8.31
CA ASP B 511 -7.14 12.28 -8.10
C ASP B 511 -7.35 11.52 -9.37
N ILE B 512 -8.25 11.99 -10.21
CA ILE B 512 -8.61 11.28 -11.42
C ILE B 512 -7.40 11.21 -12.37
N CYS B 513 -6.47 12.13 -12.20
CA CYS B 513 -5.29 12.11 -13.07
C CYS B 513 -4.35 10.97 -12.67
N THR B 514 -4.30 10.67 -11.39
CA THR B 514 -3.34 9.73 -10.82
C THR B 514 -3.94 8.32 -10.80
N LEU B 515 -4.72 8.02 -11.81
CA LEU B 515 -5.42 6.73 -11.86
C LEU B 515 -4.84 5.80 -12.93
N PRO B 516 -4.65 4.53 -12.54
CA PRO B 516 -4.39 3.48 -13.51
C PRO B 516 -5.54 3.51 -14.50
N ASP B 517 -5.27 3.34 -15.80
CA ASP B 517 -6.30 3.48 -16.85
C ASP B 517 -7.53 2.57 -16.57
N THR B 518 -7.31 1.35 -16.08
CA THR B 518 -8.48 0.55 -15.70
C THR B 518 -9.36 1.35 -14.77
N GLU B 519 -8.77 1.87 -13.69
CA GLU B 519 -9.59 2.69 -12.82
C GLU B 519 -10.21 3.93 -13.50
N LYS B 520 -9.59 4.45 -14.56
CA LYS B 520 -10.18 5.56 -15.28
C LYS B 520 -11.43 5.13 -16.00
N GLN B 521 -11.31 4.10 -16.82
CA GLN B 521 -12.48 3.64 -17.55
C GLN B 521 -13.57 3.27 -16.54
N ILE B 522 -13.18 2.76 -15.37
CA ILE B 522 -14.19 2.44 -14.34
C ILE B 522 -14.90 3.70 -13.81
N LYS B 523 -14.17 4.74 -13.43
CA LYS B 523 -14.81 6.00 -13.00
C LYS B 523 -15.74 6.61 -14.07
N LYS B 524 -15.27 6.52 -15.31
CA LYS B 524 -15.97 7.08 -16.44
C LYS B 524 -17.27 6.33 -16.69
N GLN B 525 -17.18 5.01 -16.67
CA GLN B 525 -18.35 4.18 -16.94
C GLN B 525 -19.35 4.31 -15.80
N THR B 526 -18.79 4.51 -14.60
CA THR B 526 -19.57 4.73 -13.41
C THR B 526 -20.42 6.03 -13.59
N ALA B 527 -19.79 7.09 -14.11
CA ALA B 527 -20.54 8.32 -14.42
C ALA B 527 -21.56 8.10 -15.54
N LEU B 528 -21.19 7.32 -16.54
CA LEU B 528 -22.10 7.07 -17.62
C LEU B 528 -23.39 6.42 -17.10
N VAL B 529 -23.25 5.39 -16.25
CA VAL B 529 -24.38 4.70 -15.58
C VAL B 529 -25.19 5.68 -14.79
N GLU B 530 -24.50 6.48 -13.99
CA GLU B 530 -25.26 7.47 -13.20
C GLU B 530 -26.06 8.47 -14.10
N LEU B 531 -25.44 8.94 -15.16
CA LEU B 531 -26.04 9.87 -16.08
C LEU B 531 -27.24 9.28 -16.68
N LEU B 532 -27.06 8.00 -16.98
CA LEU B 532 -28.09 7.27 -17.69
C LEU B 532 -29.21 6.74 -16.75
N LYS B 533 -28.95 6.72 -15.46
CA LYS B 533 -30.01 6.52 -14.48
C LYS B 533 -30.72 7.85 -14.24
N HIS B 534 -30.04 8.95 -14.52
CA HIS B 534 -30.65 10.26 -14.27
C HIS B 534 -31.48 10.78 -15.49
N LYS B 535 -31.02 10.53 -16.71
CA LYS B 535 -31.74 10.98 -17.91
C LYS B 535 -32.05 9.77 -18.83
N PRO B 536 -32.92 8.84 -18.36
CA PRO B 536 -33.14 7.52 -18.98
C PRO B 536 -33.43 7.56 -20.48
N LYS B 537 -34.12 8.61 -20.92
CA LYS B 537 -34.52 8.75 -22.31
C LYS B 537 -33.55 9.66 -23.10
N ALA B 538 -32.42 10.02 -22.49
CA ALA B 538 -31.37 10.75 -23.22
C ALA B 538 -30.78 9.74 -24.22
N THR B 539 -30.43 10.21 -25.42
CA THR B 539 -30.04 9.27 -26.48
C THR B 539 -28.58 9.45 -26.99
N GLU B 540 -28.17 8.54 -27.90
CA GLU B 540 -26.75 8.37 -28.30
C GLU B 540 -26.10 9.61 -28.88
N GLU B 541 -26.88 10.54 -29.43
CA GLU B 541 -26.28 11.78 -29.91
C GLU B 541 -25.83 12.67 -28.76
N GLN B 542 -26.79 12.96 -27.88
CA GLN B 542 -26.55 13.73 -26.68
C GLN B 542 -25.47 13.05 -25.90
N LEU B 543 -25.55 11.72 -25.79
CA LEU B 543 -24.58 10.97 -24.98
C LEU B 543 -23.17 11.11 -25.52
N LYS B 544 -23.06 10.96 -26.83
CA LYS B 544 -21.77 11.13 -27.52
C LYS B 544 -21.16 12.46 -27.16
N THR B 545 -21.98 13.52 -27.23
CA THR B 545 -21.56 14.88 -26.89
C THR B 545 -21.09 14.99 -25.43
N VAL B 546 -21.91 14.51 -24.48
CA VAL B 546 -21.53 14.58 -23.08
C VAL B 546 -20.19 13.85 -22.84
N MET B 547 -20.02 12.68 -23.48
CA MET B 547 -18.75 11.97 -23.38
C MET B 547 -17.57 12.87 -23.90
N GLU B 548 -17.73 13.46 -25.07
CA GLU B 548 -16.65 14.31 -25.59
C GLU B 548 -16.34 15.51 -24.70
N ASN B 549 -17.39 16.17 -24.19
CA ASN B 549 -17.19 17.34 -23.36
C ASN B 549 -16.42 16.88 -22.13
N PHE B 550 -16.78 15.70 -21.64
CA PHE B 550 -16.19 15.16 -20.44
C PHE B 550 -14.69 14.90 -20.57
N VAL B 551 -14.32 14.22 -21.67
CA VAL B 551 -12.92 13.89 -21.86
C VAL B 551 -12.16 15.17 -22.09
N ALA B 552 -12.75 16.10 -22.84
CA ALA B 552 -12.19 17.44 -23.03
C ALA B 552 -11.88 18.08 -21.67
N PHE B 553 -12.83 17.93 -20.75
CA PHE B 553 -12.67 18.44 -19.41
C PHE B 553 -11.48 17.82 -18.74
N VAL B 554 -11.41 16.48 -18.73
CA VAL B 554 -10.34 15.83 -17.96
C VAL B 554 -9.01 16.20 -18.55
N ASP B 555 -8.91 16.04 -19.88
CA ASP B 555 -7.68 16.26 -20.59
C ASP B 555 -7.20 17.66 -20.22
N LYS B 556 -8.07 18.65 -20.38
CA LYS B 556 -7.73 20.02 -20.02
C LYS B 556 -7.18 20.10 -18.61
N CYS B 557 -7.95 19.63 -17.65
CA CYS B 557 -7.58 19.84 -16.26
C CYS B 557 -6.36 19.09 -15.73
N CYS B 558 -6.08 17.90 -16.25
CA CYS B 558 -4.92 17.10 -15.78
C CYS B 558 -3.59 17.66 -16.21
N ALA B 559 -3.58 18.22 -17.40
CA ALA B 559 -2.41 18.81 -17.99
C ALA B 559 -2.22 20.21 -17.42
N ALA B 560 -3.23 20.70 -16.70
CA ALA B 560 -3.20 22.05 -16.15
C ALA B 560 -2.07 22.22 -15.15
N ASP B 561 -1.61 23.46 -15.01
CA ASP B 561 -0.46 23.77 -14.15
C ASP B 561 -0.76 23.45 -12.69
N ASP B 562 -1.83 24.04 -12.18
CA ASP B 562 -2.37 23.72 -10.86
C ASP B 562 -3.73 23.06 -11.05
N LYS B 563 -3.81 21.78 -10.70
CA LYS B 563 -4.91 20.93 -11.16
C LYS B 563 -6.25 21.02 -10.40
N GLU B 564 -6.18 21.13 -9.07
CA GLU B 564 -7.36 21.15 -8.22
C GLU B 564 -8.20 22.40 -8.46
N ALA B 565 -7.55 23.54 -8.68
CA ALA B 565 -8.27 24.75 -9.02
C ALA B 565 -8.95 24.55 -10.37
N CYS B 566 -8.26 23.85 -11.28
CA CYS B 566 -8.89 23.63 -12.56
C CYS B 566 -10.18 22.81 -12.35
N PHE B 567 -10.13 21.70 -11.63
CA PHE B 567 -11.35 20.92 -11.40
C PHE B 567 -12.42 21.71 -10.62
N ALA B 568 -12.00 22.42 -9.57
CA ALA B 568 -12.87 23.29 -8.79
C ALA B 568 -13.64 24.25 -9.69
N VAL B 569 -13.02 24.75 -10.75
CA VAL B 569 -13.68 25.75 -11.61
C VAL B 569 -14.38 25.21 -12.88
N GLU B 570 -13.65 24.38 -13.64
CA GLU B 570 -14.16 23.74 -14.86
C GLU B 570 -15.26 22.72 -14.57
N GLY B 571 -15.08 21.96 -13.47
CA GLY B 571 -16.08 21.00 -13.05
C GLY B 571 -17.53 21.49 -13.04
N PRO B 572 -17.84 22.51 -12.25
CA PRO B 572 -19.26 22.86 -12.34
C PRO B 572 -19.68 23.45 -13.74
N LYS B 573 -18.73 23.97 -14.53
CA LYS B 573 -19.17 24.44 -15.86
C LYS B 573 -19.68 23.25 -16.67
N LEU B 574 -19.01 22.07 -16.54
CA LEU B 574 -19.44 20.84 -17.24
C LEU B 574 -20.84 20.36 -16.86
N VAL B 575 -21.11 20.31 -15.54
CA VAL B 575 -22.43 19.94 -15.01
C VAL B 575 -23.51 20.90 -15.53
N VAL B 576 -23.25 22.18 -15.42
CA VAL B 576 -24.19 23.13 -15.96
C VAL B 576 -24.54 22.96 -17.47
N SER B 577 -23.57 23.04 -18.38
CA SER B 577 -23.97 22.86 -19.76
C SER B 577 -24.76 21.52 -19.91
N THR B 578 -24.22 20.43 -19.33
CA THR B 578 -24.78 19.09 -19.49
C THR B 578 -26.24 18.99 -19.02
N GLN B 579 -26.55 19.53 -17.85
CA GLN B 579 -27.97 19.54 -17.46
C GLN B 579 -28.83 20.34 -18.45
N THR B 580 -28.25 21.37 -19.07
CA THR B 580 -28.99 22.23 -20.01
C THR B 580 -29.21 21.55 -21.38
N ALA B 581 -28.18 20.93 -21.92
CA ALA B 581 -28.32 20.17 -23.16
C ALA B 581 -29.38 19.05 -23.02
N LEU B 582 -29.41 18.38 -21.88
CA LEU B 582 -30.28 17.22 -21.70
C LEU B 582 -31.62 17.52 -20.96
N ALA B 583 -31.95 18.80 -20.76
CA ALA B 583 -33.15 19.18 -19.98
C ALA B 583 -34.41 18.61 -20.60
C DIU C . 14.11 21.22 24.74
O1 DIU C . 14.76 21.66 23.68
O2 DIU C . 13.61 20.05 24.79
O3 DIU C . 15.03 24.00 24.88
C1 DIU C . 13.88 22.10 25.95
C2 DIU C . 14.34 23.50 25.94
C3 DIU C . 14.07 24.33 27.13
C4 DIU C . 13.44 23.76 28.20
C5 DIU C . 13.00 22.43 28.21
C6 DIU C . 13.19 21.60 27.10
I1 DIU C . 14.68 26.35 27.28
I2 DIU C . 11.99 21.77 29.93
C DIU D . 21.34 29.81 0.44
O1 DIU D . 20.66 28.95 -0.20
O2 DIU D . 22.56 29.96 0.26
O3 DIU D . 18.55 30.49 0.17
C1 DIU D . 20.65 30.72 1.41
C2 DIU D . 19.24 31.05 1.20
C3 DIU D . 18.58 31.95 2.13
C4 DIU D . 19.29 32.49 3.22
C5 DIU D . 20.67 32.17 3.41
C6 DIU D . 21.34 31.29 2.51
I1 DIU D . 16.53 32.43 1.88
I2 DIU D . 21.70 32.97 5.12
C DIU E . 5.44 10.71 9.05
O1 DIU E . 6.33 11.51 9.42
O2 DIU E . 5.68 9.74 8.27
O3 DIU E . 4.72 12.81 10.90
C1 DIU E . 4.00 10.90 9.56
C2 DIU E . 3.73 11.98 10.50
C3 DIU E . 2.38 12.16 11.00
C4 DIU E . 1.38 11.30 10.62
C5 DIU E . 1.62 10.25 9.75
C6 DIU E . 2.96 10.05 9.20
I1 DIU E . 1.94 13.66 12.32
I2 DIU E . -0.03 9.00 9.20
C DIU F . 18.69 23.56 19.91
O1 DIU F . 19.24 23.53 21.06
O2 DIU F . 17.44 23.71 19.76
O3 DIU F . 17.81 24.37 17.22
C1 DIU F . 19.60 23.49 18.68
C2 DIU F . 19.09 23.95 17.36
C3 DIU F . 19.99 23.90 16.17
C4 DIU F . 21.32 23.43 16.35
C5 DIU F . 21.79 23.01 17.66
C6 DIU F . 20.91 23.03 18.80
I1 DIU F . 19.28 24.61 14.21
I2 DIU F . 23.81 22.28 17.91
C1 PEG G . -1.33 4.51 13.58
O1 PEG G . -1.76 5.10 14.78
C2 PEG G . 0.05 5.12 13.29
O2 PEG G . 0.54 4.68 12.02
C3 PEG G . -0.30 5.32 11.03
C4 PEG G . 0.28 5.25 9.61
O4 PEG G . -0.53 5.96 8.62
OH2 1PE H . 10.61 16.52 -31.75
C12 1PE H . 11.96 16.12 -32.14
C22 1PE H . 12.06 14.79 -32.94
OH3 1PE H . 13.32 14.06 -32.97
C13 1PE H . 15.13 13.32 -34.42
C23 1PE H . 13.61 13.52 -34.28
OH4 1PE H . 15.57 12.34 -35.40
C14 1PE H . 17.43 11.75 -36.85
C24 1PE H . 17.04 12.29 -35.49
OH5 1PE H . 16.14 11.89 -37.44
C15 1PE H . 14.16 11.07 -38.61
C25 1PE H . 15.64 10.82 -38.27
OH6 1PE H . 13.48 11.72 -37.53
C16 1PE H . 11.15 11.70 -36.65
C26 1PE H . 12.06 11.75 -37.87
OH7 1PE H . 9.77 11.99 -36.95
OH2 1PE I . 33.91 22.15 18.62
C12 1PE I . 33.92 23.27 17.73
C22 1PE I . 32.59 23.39 16.96
OH3 1PE I . 32.65 24.33 15.87
C13 1PE I . 32.03 26.20 17.32
C23 1PE I . 31.68 25.35 16.07
OH4 1PE I . 31.41 25.79 18.57
C14 1PE I . 31.76 27.91 19.83
C24 1PE I . 32.08 26.40 19.68
OH5 1PE I . 32.40 28.43 21.03
C15 1PE I . 32.31 30.18 22.86
C25 1PE I . 32.14 29.83 21.36
OH6 1PE I . 31.23 29.81 23.78
C16 1PE I . 30.59 28.13 25.68
C26 1PE I . 31.67 28.96 24.90
OH7 1PE I . 29.39 28.83 26.13
C1 PGE J . 16.45 13.87 -22.06
O1 PGE J . 17.47 14.84 -21.80
C2 PGE J . 15.63 13.69 -20.77
O2 PGE J . 15.42 14.96 -20.14
C3 PGE J . 16.21 15.08 -18.97
C4 PGE J . 16.16 16.54 -18.55
O4 PGE J . 12.68 17.63 -16.61
C6 PGE J . 13.81 18.47 -16.41
C5 PGE J . 15.00 17.59 -16.78
O3 PGE J . 14.85 16.96 -18.08
CA CA K . 23.20 7.77 31.91
CA CA L . 23.05 8.94 35.24
CA CA M . 19.81 3.83 4.07
CA CA N . 12.94 12.99 38.84
C DIU O . -12.29 -30.17 -12.99
O1 DIU O . -11.62 -29.85 -11.99
O2 DIU O . -13.15 -29.40 -13.52
O3 DIU O . -13.55 -31.14 -15.43
C1 DIU O . -12.02 -31.53 -13.60
C2 DIU O . -12.69 -31.94 -14.84
C3 DIU O . -12.36 -33.29 -15.42
C4 DIU O . -11.45 -34.08 -14.79
C5 DIU O . -10.83 -33.69 -13.61
C6 DIU O . -11.09 -32.43 -12.99
I1 DIU O . -13.25 -33.97 -17.21
I2 DIU O . -9.49 -34.97 -12.79
C DIU P . -24.81 -10.05 -25.35
O1 DIU P . -24.08 -9.12 -24.98
O2 DIU P . -26.04 -10.12 -25.04
O3 DIU P . -22.32 -9.74 -26.62
C1 DIU P . -24.25 -11.11 -26.23
C2 DIU P . -22.97 -10.87 -26.86
C3 DIU P . -22.42 -11.89 -27.75
C4 DIU P . -23.13 -13.07 -27.96
C5 DIU P . -24.37 -13.29 -27.33
C6 DIU P . -24.92 -12.30 -26.47
I1 DIU P . -20.59 -11.58 -28.71
I2 DIU P . -25.41 -15.14 -27.63
C DIU Q . -5.46 -10.93 -9.05
O1 DIU Q . -6.41 -11.77 -9.03
O2 DIU Q . -5.69 -9.69 -9.03
O3 DIU Q . -4.73 -13.22 -10.69
C1 DIU Q . -4.02 -11.44 -9.20
C2 DIU Q . -3.73 -12.58 -10.04
C3 DIU Q . -2.35 -13.04 -10.16
C4 DIU Q . -1.35 -12.42 -9.49
C5 DIU Q . -1.58 -11.33 -8.70
C6 DIU Q . -2.93 -10.79 -8.55
I1 DIU Q . -1.90 -14.65 -11.27
I2 DIU Q . 0.11 -10.47 -7.71
C DIU R . -18.29 -27.01 -15.84
O1 DIU R . -18.54 -28.10 -15.22
O2 DIU R . -17.18 -26.80 -16.40
O3 DIU R . -18.01 -24.64 -17.53
C1 DIU R . -19.35 -25.97 -15.96
C2 DIU R . -19.17 -24.80 -16.84
C3 DIU R . -20.27 -23.77 -16.94
C4 DIU R . -21.47 -24.01 -16.18
C5 DIU R . -21.61 -25.18 -15.32
C6 DIU R . -20.54 -26.13 -15.23
I1 DIU R . -20.06 -22.01 -18.24
I2 DIU R . -23.41 -25.51 -14.14
C1 PEG S . 2.49 -13.27 -2.63
O1 PEG S . 3.32 -14.25 -3.25
C2 PEG S . 1.47 -12.81 -3.66
O2 PEG S . 0.84 -11.62 -3.15
C3 PEG S . 0.59 -10.66 -4.18
C4 PEG S . 1.11 -9.24 -3.87
O4 PEG S . 0.79 -8.33 -4.95
OH2 1PE T . -28.72 -36.50 -13.86
C12 1PE T . -28.44 -35.85 -15.10
C22 1PE T . -28.90 -36.64 -16.33
OH3 1PE T . -28.94 -35.78 -17.49
C13 1PE T . -31.10 -34.51 -17.78
C23 1PE T . -30.20 -35.69 -18.22
OH4 1PE T . -31.35 -33.51 -18.80
C14 1PE T . -32.38 -31.22 -19.18
C24 1PE T . -32.48 -32.62 -18.57
OH5 1PE T . -31.34 -30.45 -18.56
C15 1PE T . -31.38 -29.29 -16.44
C25 1PE T . -31.78 -29.24 -17.93
OH6 1PE T . -31.69 -28.08 -15.73
C16 1PE T . -32.24 -27.88 -13.28
C26 1PE T . -32.71 -28.24 -14.70
OH7 1PE T . -32.76 -28.80 -12.31
C1 PGE U . -23.26 15.00 -15.85
O1 PGE U . -24.44 15.79 -15.59
C2 PGE U . -21.97 15.83 -15.98
O2 PGE U . -20.80 14.99 -15.95
C3 PGE U . -20.64 14.19 -17.14
C4 PGE U . -19.98 12.83 -16.84
O4 PGE U . -18.48 9.68 -20.18
C6 PGE U . -19.64 10.20 -19.52
C5 PGE U . -19.22 11.11 -18.38
O3 PGE U . -20.33 11.85 -17.83
CA CA V . -18.99 -5.59 -0.72
CA CA W . -17.92 -34.69 3.18
CA CA X . -7.92 -41.64 -1.70
#